data_213D
# 
_entry.id   213D 
# 
_audit_conform.dict_name       mmcif_pdbx.dic 
_audit_conform.dict_version    5.387 
_audit_conform.dict_location   http://mmcif.pdb.org/dictionaries/ascii/mmcif_pdbx.dic 
# 
loop_
_database_2.database_id 
_database_2.database_code 
_database_2.pdbx_database_accession 
_database_2.pdbx_DOI 
PDB   213D         pdb_0000213d 10.2210/pdb213d/pdb 
RCSB  ADJB61       ?            ?                   
WWPDB D_1000177573 ?            ?                   
# 
loop_
_pdbx_audit_revision_history.ordinal 
_pdbx_audit_revision_history.data_content_type 
_pdbx_audit_revision_history.major_revision 
_pdbx_audit_revision_history.minor_revision 
_pdbx_audit_revision_history.revision_date 
1 'Structure model' 1 0 1996-01-31 
2 'Structure model' 1 1 2008-05-22 
3 'Structure model' 1 2 2011-07-13 
4 'Structure model' 1 3 2024-02-14 
# 
_pdbx_audit_revision_details.ordinal             1 
_pdbx_audit_revision_details.revision_ordinal    1 
_pdbx_audit_revision_details.data_content_type   'Structure model' 
_pdbx_audit_revision_details.provider            repository 
_pdbx_audit_revision_details.type                'Initial release' 
_pdbx_audit_revision_details.description         ? 
_pdbx_audit_revision_details.details             ? 
# 
loop_
_pdbx_audit_revision_group.ordinal 
_pdbx_audit_revision_group.revision_ordinal 
_pdbx_audit_revision_group.data_content_type 
_pdbx_audit_revision_group.group 
1 2 'Structure model' 'Version format compliance' 
2 3 'Structure model' 'Version format compliance' 
3 4 'Structure model' 'Data collection'           
4 4 'Structure model' 'Database references'       
5 4 'Structure model' 'Derived calculations'      
# 
loop_
_pdbx_audit_revision_category.ordinal 
_pdbx_audit_revision_category.revision_ordinal 
_pdbx_audit_revision_category.data_content_type 
_pdbx_audit_revision_category.category 
1 4 'Structure model' chem_comp_atom 
2 4 'Structure model' chem_comp_bond 
3 4 'Structure model' database_2     
4 4 'Structure model' struct_conn    
# 
loop_
_pdbx_audit_revision_item.ordinal 
_pdbx_audit_revision_item.revision_ordinal 
_pdbx_audit_revision_item.data_content_type 
_pdbx_audit_revision_item.item 
1 4 'Structure model' '_database_2.pdbx_DOI'                
2 4 'Structure model' '_database_2.pdbx_database_accession' 
3 4 'Structure model' '_struct_conn.pdbx_leaving_atom_flag' 
# 
_pdbx_database_status.status_code                     REL 
_pdbx_database_status.entry_id                        213D 
_pdbx_database_status.recvd_initial_deposition_date   1995-06-28 
_pdbx_database_status.deposit_site                    BNL 
_pdbx_database_status.process_site                    NDB 
_pdbx_database_status.status_code_sf                  REL 
_pdbx_database_status.status_code_mr                  ? 
_pdbx_database_status.SG_entry                        ? 
_pdbx_database_status.pdb_format_compatible           Y 
_pdbx_database_status.status_code_cs                  ? 
_pdbx_database_status.status_code_nmr_data            ? 
_pdbx_database_status.methods_development_category    ? 
# 
loop_
_audit_author.name 
_audit_author.pdbx_ordinal 
'Ramakrishnan, B.'  1 
'Sundaralingam, M.' 2 
# 
_citation.id                        primary 
_citation.title                     
'Crystal structure of the A-DNA decamer d(CCIGGCCm5CGG) at 1.6 A showing the unexpected wobble I.m5C base pair.' 
_citation.journal_abbrev            Biophys.J. 
_citation.journal_volume            69 
_citation.page_first                553 
_citation.page_last                 558 
_citation.year                      1995 
_citation.journal_id_ASTM           BIOJAU 
_citation.country                   US 
_citation.journal_id_ISSN           0006-3495 
_citation.journal_id_CSD            0030 
_citation.book_publisher            ? 
_citation.pdbx_database_id_PubMed   8527669 
_citation.pdbx_database_id_DOI      ? 
# 
loop_
_citation_author.citation_id 
_citation_author.name 
_citation_author.ordinal 
_citation_author.identifier_ORCID 
primary 'Ramakrishnan, B.'  1 ? 
primary 'Sundaralingam, M.' 2 ? 
# 
loop_
_entity.id 
_entity.type 
_entity.src_method 
_entity.pdbx_description 
_entity.formula_weight 
_entity.pdbx_number_of_molecules 
_entity.pdbx_ec 
_entity.pdbx_mutation 
_entity.pdbx_fragment 
_entity.details 
1 polymer syn 
;DNA (5'-D(*CP*CP*IP*GP*GP*CP*CP*(5CM)P*GP*G)-3')
;
3045.993 2   ? ? ? ? 
2 water   nat water                                              18.015   103 ? ? ? ? 
# 
_entity_poly.entity_id                      1 
_entity_poly.type                           polydeoxyribonucleotide 
_entity_poly.nstd_linkage                   no 
_entity_poly.nstd_monomer                   yes 
_entity_poly.pdbx_seq_one_letter_code       '(DC)(DC)(DI)(DG)(DG)(DC)(DC)(5CM)(DG)(DG)' 
_entity_poly.pdbx_seq_one_letter_code_can   CCIGGCCCGG 
_entity_poly.pdbx_strand_id                 A,B 
_entity_poly.pdbx_target_identifier         ? 
# 
_pdbx_entity_nonpoly.entity_id   2 
_pdbx_entity_nonpoly.name        water 
_pdbx_entity_nonpoly.comp_id     HOH 
# 
loop_
_entity_poly_seq.entity_id 
_entity_poly_seq.num 
_entity_poly_seq.mon_id 
_entity_poly_seq.hetero 
1 1  DC  n 
1 2  DC  n 
1 3  DI  n 
1 4  DG  n 
1 5  DG  n 
1 6  DC  n 
1 7  DC  n 
1 8  5CM n 
1 9  DG  n 
1 10 DG  n 
# 
loop_
_chem_comp.id 
_chem_comp.type 
_chem_comp.mon_nstd_flag 
_chem_comp.name 
_chem_comp.pdbx_synonyms 
_chem_comp.formula 
_chem_comp.formula_weight 
5CM 'DNA linking' n "5-METHYL-2'-DEOXY-CYTIDINE-5'-MONOPHOSPHATE" ? 'C10 H16 N3 O7 P' 321.224 
DC  'DNA linking' y "2'-DEOXYCYTIDINE-5'-MONOPHOSPHATE"           ? 'C9 H14 N3 O7 P'  307.197 
DG  'DNA linking' y "2'-DEOXYGUANOSINE-5'-MONOPHOSPHATE"          ? 'C10 H14 N5 O7 P' 347.221 
DI  'DNA linking' y "2'-DEOXYINOSINE-5'-MONOPHOSPHATE"            ? 'C10 H13 N4 O7 P' 332.207 
HOH non-polymer   . WATER                                         ? 'H2 O'            18.015  
# 
loop_
_pdbx_poly_seq_scheme.asym_id 
_pdbx_poly_seq_scheme.entity_id 
_pdbx_poly_seq_scheme.seq_id 
_pdbx_poly_seq_scheme.mon_id 
_pdbx_poly_seq_scheme.ndb_seq_num 
_pdbx_poly_seq_scheme.pdb_seq_num 
_pdbx_poly_seq_scheme.auth_seq_num 
_pdbx_poly_seq_scheme.pdb_mon_id 
_pdbx_poly_seq_scheme.auth_mon_id 
_pdbx_poly_seq_scheme.pdb_strand_id 
_pdbx_poly_seq_scheme.pdb_ins_code 
_pdbx_poly_seq_scheme.hetero 
A 1 1  DC  1  1  1  DC  C  A . n 
A 1 2  DC  2  2  2  DC  C  A . n 
A 1 3  DI  3  3  3  DI  I  A . n 
A 1 4  DG  4  4  4  DG  G  A . n 
A 1 5  DG  5  5  5  DG  G  A . n 
A 1 6  DC  6  6  6  DC  C  A . n 
A 1 7  DC  7  7  7  DC  C  A . n 
A 1 8  5CM 8  8  8  5CM +C A . n 
A 1 9  DG  9  9  9  DG  G  A . n 
A 1 10 DG  10 10 10 DG  G  A . n 
B 1 1  DC  1  11 11 DC  C  B . n 
B 1 2  DC  2  12 12 DC  C  B . n 
B 1 3  DI  3  13 13 DI  I  B . n 
B 1 4  DG  4  14 14 DG  G  B . n 
B 1 5  DG  5  15 15 DG  G  B . n 
B 1 6  DC  6  16 16 DC  C  B . n 
B 1 7  DC  7  17 17 DC  C  B . n 
B 1 8  5CM 8  18 18 5CM +C B . n 
B 1 9  DG  9  19 19 DG  G  B . n 
B 1 10 DG  10 20 20 DG  G  B . n 
# 
loop_
_pdbx_nonpoly_scheme.asym_id 
_pdbx_nonpoly_scheme.entity_id 
_pdbx_nonpoly_scheme.mon_id 
_pdbx_nonpoly_scheme.ndb_seq_num 
_pdbx_nonpoly_scheme.pdb_seq_num 
_pdbx_nonpoly_scheme.auth_seq_num 
_pdbx_nonpoly_scheme.pdb_mon_id 
_pdbx_nonpoly_scheme.auth_mon_id 
_pdbx_nonpoly_scheme.pdb_strand_id 
_pdbx_nonpoly_scheme.pdb_ins_code 
C 2 HOH 1  21  21  HOH HOH A . 
C 2 HOH 2  23  23  HOH HOH A . 
C 2 HOH 3  24  24  HOH HOH A . 
C 2 HOH 4  25  25  HOH HOH A . 
C 2 HOH 5  27  27  HOH HOH A . 
C 2 HOH 6  28  28  HOH HOH A . 
C 2 HOH 7  32  32  HOH HOH A . 
C 2 HOH 8  35  35  HOH HOH A . 
C 2 HOH 9  36  36  HOH HOH A . 
C 2 HOH 10 37  37  HOH HOH A . 
C 2 HOH 11 38  38  HOH HOH A . 
C 2 HOH 12 39  39  HOH HOH A . 
C 2 HOH 13 40  40  HOH HOH A . 
C 2 HOH 14 41  41  HOH HOH A . 
C 2 HOH 15 44  44  HOH HOH A . 
C 2 HOH 16 46  46  HOH HOH A . 
C 2 HOH 17 49  49  HOH HOH A . 
C 2 HOH 18 50  50  HOH HOH A . 
C 2 HOH 19 51  51  HOH HOH A . 
C 2 HOH 20 53  53  HOH HOH A . 
C 2 HOH 21 54  54  HOH HOH A . 
C 2 HOH 22 56  56  HOH HOH A . 
C 2 HOH 23 57  57  HOH HOH A . 
C 2 HOH 24 59  59  HOH HOH A . 
C 2 HOH 25 60  60  HOH HOH A . 
C 2 HOH 26 62  62  HOH HOH A . 
C 2 HOH 27 64  64  HOH HOH A . 
C 2 HOH 28 67  67  HOH HOH A . 
C 2 HOH 29 70  70  HOH HOH A . 
C 2 HOH 30 71  71  HOH HOH A . 
C 2 HOH 31 73  73  HOH HOH A . 
C 2 HOH 32 74  74  HOH HOH A . 
C 2 HOH 33 78  78  HOH HOH A . 
C 2 HOH 34 81  81  HOH HOH A . 
C 2 HOH 35 82  82  HOH HOH A . 
C 2 HOH 36 84  84  HOH HOH A . 
C 2 HOH 37 85  85  HOH HOH A . 
C 2 HOH 38 88  88  HOH HOH A . 
C 2 HOH 39 90  90  HOH HOH A . 
C 2 HOH 40 93  93  HOH HOH A . 
C 2 HOH 41 95  95  HOH HOH A . 
C 2 HOH 42 97  97  HOH HOH A . 
C 2 HOH 43 101 101 HOH HOH A . 
C 2 HOH 44 102 102 HOH HOH A . 
C 2 HOH 45 103 103 HOH HOH A . 
C 2 HOH 46 104 104 HOH HOH A . 
C 2 HOH 47 109 109 HOH HOH A . 
C 2 HOH 48 113 113 HOH HOH A . 
C 2 HOH 49 115 115 HOH HOH A . 
C 2 HOH 50 117 117 HOH HOH A . 
C 2 HOH 51 118 118 HOH HOH A . 
C 2 HOH 52 119 119 HOH HOH A . 
C 2 HOH 53 122 122 HOH HOH A . 
C 2 HOH 54 123 123 HOH HOH A . 
D 2 HOH 1  22  22  HOH HOH B . 
D 2 HOH 2  26  26  HOH HOH B . 
D 2 HOH 3  29  29  HOH HOH B . 
D 2 HOH 4  30  30  HOH HOH B . 
D 2 HOH 5  31  31  HOH HOH B . 
D 2 HOH 6  33  33  HOH HOH B . 
D 2 HOH 7  34  34  HOH HOH B . 
D 2 HOH 8  42  42  HOH HOH B . 
D 2 HOH 9  43  43  HOH HOH B . 
D 2 HOH 10 45  45  HOH HOH B . 
D 2 HOH 11 47  47  HOH HOH B . 
D 2 HOH 12 48  48  HOH HOH B . 
D 2 HOH 13 52  52  HOH HOH B . 
D 2 HOH 14 55  55  HOH HOH B . 
D 2 HOH 15 58  58  HOH HOH B . 
D 2 HOH 16 61  61  HOH HOH B . 
D 2 HOH 17 63  63  HOH HOH B . 
D 2 HOH 18 65  65  HOH HOH B . 
D 2 HOH 19 66  66  HOH HOH B . 
D 2 HOH 20 68  68  HOH HOH B . 
D 2 HOH 21 69  69  HOH HOH B . 
D 2 HOH 22 72  72  HOH HOH B . 
D 2 HOH 23 75  75  HOH HOH B . 
D 2 HOH 24 76  76  HOH HOH B . 
D 2 HOH 25 77  77  HOH HOH B . 
D 2 HOH 26 79  79  HOH HOH B . 
D 2 HOH 27 80  80  HOH HOH B . 
D 2 HOH 28 83  83  HOH HOH B . 
D 2 HOH 29 86  86  HOH HOH B . 
D 2 HOH 30 87  87  HOH HOH B . 
D 2 HOH 31 89  89  HOH HOH B . 
D 2 HOH 32 91  91  HOH HOH B . 
D 2 HOH 33 92  92  HOH HOH B . 
D 2 HOH 34 94  94  HOH HOH B . 
D 2 HOH 35 96  96  HOH HOH B . 
D 2 HOH 36 98  98  HOH HOH B . 
D 2 HOH 37 99  99  HOH HOH B . 
D 2 HOH 38 100 100 HOH HOH B . 
D 2 HOH 39 105 105 HOH HOH B . 
D 2 HOH 40 106 106 HOH HOH B . 
D 2 HOH 41 107 107 HOH HOH B . 
D 2 HOH 42 108 108 HOH HOH B . 
D 2 HOH 43 110 110 HOH HOH B . 
D 2 HOH 44 111 111 HOH HOH B . 
D 2 HOH 45 112 112 HOH HOH B . 
D 2 HOH 46 114 114 HOH HOH B . 
D 2 HOH 47 116 116 HOH HOH B . 
D 2 HOH 48 120 120 HOH HOH B . 
D 2 HOH 49 121 121 HOH HOH B . 
# 
_software.name             X-PLOR 
_software.classification   refinement 
_software.version          . 
_software.citation_id      ? 
_software.pdbx_ordinal     1 
# 
_cell.entry_id           213D 
_cell.length_a           25.020 
_cell.length_b           44.950 
_cell.length_c           47.620 
_cell.angle_alpha        90.00 
_cell.angle_beta         90.00 
_cell.angle_gamma        90.00 
_cell.Z_PDB              8 
_cell.pdbx_unique_axis   ? 
# 
_symmetry.entry_id                         213D 
_symmetry.space_group_name_H-M             'P 21 21 21' 
_symmetry.pdbx_full_space_group_name_H-M   ? 
_symmetry.cell_setting                     ? 
_symmetry.Int_Tables_number                19 
# 
_exptl.entry_id          213D 
_exptl.method            'X-RAY DIFFRACTION' 
_exptl.crystals_number   ? 
# 
_exptl_crystal.id                    1 
_exptl_crystal.density_meas          ? 
_exptl_crystal.density_Matthews      2.20 
_exptl_crystal.density_percent_sol   44.03 
_exptl_crystal.description           ? 
# 
_exptl_crystal_grow.crystal_id      1 
_exptl_crystal_grow.method          'VAPOR DIFFUSION, HANGING DROP' 
_exptl_crystal_grow.temp            ? 
_exptl_crystal_grow.temp_details    ? 
_exptl_crystal_grow.pH              7.00 
_exptl_crystal_grow.pdbx_details    'pH 7.00, VAPOR DIFFUSION, HANGING DROP' 
_exptl_crystal_grow.pdbx_pH_range   ? 
# 
loop_
_exptl_crystal_grow_comp.crystal_id 
_exptl_crystal_grow_comp.id 
_exptl_crystal_grow_comp.sol_id 
_exptl_crystal_grow_comp.name 
_exptl_crystal_grow_comp.volume 
_exptl_crystal_grow_comp.conc 
_exptl_crystal_grow_comp.details 
1 1 1 WATER           ? ? ? 
1 2 1 MPD             ? ? ? 
1 3 1 'NA CACODYLATE' ? ? ? 
1 4 1 SPERMINE_HCL    ? ? ? 
1 5 2 WATER           ? ? ? 
1 6 2 MPD             ? ? ? 
# 
_diffrn.id                     1 
_diffrn.ambient_temp           290.00 
_diffrn.ambient_temp_details   ? 
_diffrn.crystal_id             1 
# 
_diffrn_detector.diffrn_id              1 
_diffrn_detector.detector               DIFFRACTOMETER 
_diffrn_detector.type                   SIEMENS 
_diffrn_detector.pdbx_collection_date   ? 
_diffrn_detector.details                ? 
# 
_diffrn_radiation.diffrn_id                        1 
_diffrn_radiation.wavelength_id                    1 
_diffrn_radiation.pdbx_monochromatic_or_laue_m_l   ? 
_diffrn_radiation.monochromator                    ? 
_diffrn_radiation.pdbx_diffrn_protocol             ? 
_diffrn_radiation.pdbx_scattering_type             x-ray 
# 
_diffrn_radiation_wavelength.id           1 
_diffrn_radiation_wavelength.wavelength   1.5418 
_diffrn_radiation_wavelength.wt           1.0 
# 
_diffrn_source.diffrn_id                   1 
_diffrn_source.source                      'ROTATING ANODE' 
_diffrn_source.type                        MACSCIENCE 
_diffrn_source.pdbx_synchrotron_site       ? 
_diffrn_source.pdbx_synchrotron_beamline   ? 
_diffrn_source.pdbx_wavelength             1.5418 
_diffrn_source.pdbx_wavelength_list        ? 
# 
_reflns.entry_id                     213D 
_reflns.observed_criterion_sigma_I   ? 
_reflns.observed_criterion_sigma_F   ? 
_reflns.d_resolution_low             ? 
_reflns.d_resolution_high            1.600 
_reflns.number_obs                   6143 
_reflns.number_all                   21000 
_reflns.percent_possible_obs         ? 
_reflns.pdbx_Rmerge_I_obs            ? 
_reflns.pdbx_Rsym_value              ? 
_reflns.pdbx_netI_over_sigmaI        ? 
_reflns.B_iso_Wilson_estimate        ? 
_reflns.pdbx_redundancy              ? 
_reflns.pdbx_diffrn_id               1 
_reflns.pdbx_ordinal                 1 
# 
_refine.entry_id                                 213D 
_refine.ls_number_reflns_obs                     5119 
_refine.ls_number_reflns_all                     ? 
_refine.pdbx_ls_sigma_I                          ? 
_refine.pdbx_ls_sigma_F                          3.000 
_refine.pdbx_data_cutoff_high_absF               ? 
_refine.pdbx_data_cutoff_low_absF                ? 
_refine.pdbx_data_cutoff_high_rms_absF           ? 
_refine.ls_d_res_low                             8.000 
_refine.ls_d_res_high                            1.600 
_refine.ls_percent_reflns_obs                    ? 
_refine.ls_R_factor_obs                          0.163 
_refine.ls_R_factor_all                          ? 
_refine.ls_R_factor_R_work                       0.163 
_refine.ls_R_factor_R_free                       ? 
_refine.ls_R_factor_R_free_error                 ? 
_refine.ls_R_factor_R_free_error_details         ? 
_refine.ls_percent_reflns_R_free                 ? 
_refine.ls_number_reflns_R_free                  ? 
_refine.ls_number_parameters                     ? 
_refine.ls_number_restraints                     ? 
_refine.occupancy_min                            ? 
_refine.occupancy_max                            ? 
_refine.B_iso_mean                               ? 
_refine.aniso_B[1][1]                            ? 
_refine.aniso_B[2][2]                            ? 
_refine.aniso_B[3][3]                            ? 
_refine.aniso_B[1][2]                            ? 
_refine.aniso_B[1][3]                            ? 
_refine.aniso_B[2][3]                            ? 
_refine.solvent_model_details                    ? 
_refine.solvent_model_param_ksol                 ? 
_refine.solvent_model_param_bsol                 ? 
_refine.pdbx_ls_cross_valid_method               ? 
_refine.details                                  ? 
_refine.pdbx_starting_model                      ? 
_refine.pdbx_method_to_determine_struct          ? 
_refine.pdbx_isotropic_thermal_model             ? 
_refine.pdbx_stereochemistry_target_values       ? 
_refine.pdbx_stereochem_target_val_spec_case     ? 
_refine.pdbx_R_Free_selection_details            ? 
_refine.pdbx_overall_ESU_R                       ? 
_refine.pdbx_overall_ESU_R_Free                  ? 
_refine.overall_SU_ML                            ? 
_refine.overall_SU_B                             ? 
_refine.pdbx_refine_id                           'X-RAY DIFFRACTION' 
_refine.pdbx_diffrn_id                           1 
_refine.pdbx_TLS_residual_ADP_flag               ? 
_refine.correlation_coeff_Fo_to_Fc               ? 
_refine.correlation_coeff_Fo_to_Fc_free          ? 
_refine.pdbx_solvent_vdw_probe_radii             ? 
_refine.pdbx_solvent_ion_probe_radii             ? 
_refine.pdbx_solvent_shrinkage_radii             ? 
_refine.pdbx_overall_phase_error                 ? 
_refine.overall_SU_R_Cruickshank_DPI             ? 
_refine.pdbx_overall_SU_R_free_Cruickshank_DPI   ? 
_refine.pdbx_overall_SU_R_Blow_DPI               ? 
_refine.pdbx_overall_SU_R_free_Blow_DPI          ? 
# 
_refine_hist.pdbx_refine_id                   'X-RAY DIFFRACTION' 
_refine_hist.cycle_id                         LAST 
_refine_hist.pdbx_number_atoms_protein        0 
_refine_hist.pdbx_number_atoms_nucleic_acid   402 
_refine_hist.pdbx_number_atoms_ligand         2 
_refine_hist.number_atoms_solvent             103 
_refine_hist.number_atoms_total               507 
_refine_hist.d_res_high                       1.600 
_refine_hist.d_res_low                        8.000 
# 
loop_
_refine_ls_restr.type 
_refine_ls_restr.dev_ideal 
_refine_ls_restr.dev_ideal_target 
_refine_ls_restr.weight 
_refine_ls_restr.number 
_refine_ls_restr.pdbx_refine_id 
_refine_ls_restr.pdbx_restraint_function 
x_bond_d                0.013 ? ? ? 'X-RAY DIFFRACTION' ? 
x_bond_d_na             ?     ? ? ? 'X-RAY DIFFRACTION' ? 
x_bond_d_prot           ?     ? ? ? 'X-RAY DIFFRACTION' ? 
x_angle_d               ?     ? ? ? 'X-RAY DIFFRACTION' ? 
x_angle_d_na            ?     ? ? ? 'X-RAY DIFFRACTION' ? 
x_angle_d_prot          ?     ? ? ? 'X-RAY DIFFRACTION' ? 
x_angle_deg             3.60  ? ? ? 'X-RAY DIFFRACTION' ? 
x_angle_deg_na          ?     ? ? ? 'X-RAY DIFFRACTION' ? 
x_angle_deg_prot        ?     ? ? ? 'X-RAY DIFFRACTION' ? 
x_dihedral_angle_d      ?     ? ? ? 'X-RAY DIFFRACTION' ? 
x_dihedral_angle_d_na   ?     ? ? ? 'X-RAY DIFFRACTION' ? 
x_dihedral_angle_d_prot ?     ? ? ? 'X-RAY DIFFRACTION' ? 
x_improper_angle_d      ?     ? ? ? 'X-RAY DIFFRACTION' ? 
x_improper_angle_d_na   ?     ? ? ? 'X-RAY DIFFRACTION' ? 
x_improper_angle_d_prot ?     ? ? ? 'X-RAY DIFFRACTION' ? 
x_mcbond_it             ?     ? ? ? 'X-RAY DIFFRACTION' ? 
x_mcangle_it            ?     ? ? ? 'X-RAY DIFFRACTION' ? 
x_scbond_it             ?     ? ? ? 'X-RAY DIFFRACTION' ? 
x_scangle_it            ?     ? ? ? 'X-RAY DIFFRACTION' ? 
# 
_struct.entry_id                  213D 
_struct.title                     
'CRYSTAL STRUCTURE OF THE A-DNA DECAMER D(CCIGGCCM5CGG) AT 1.6 ANGSTROMS SHOWING THE UNEXPECTED WOBBLE I.M5C BASE PAIR' 
_struct.pdbx_model_details        ? 
_struct.pdbx_CASP_flag            ? 
_struct.pdbx_model_type_details   ? 
# 
_struct_keywords.entry_id        213D 
_struct_keywords.pdbx_keywords   DNA 
_struct_keywords.text            'A-DNA, DOUBLE HELIX, MODIFIED, DNA' 
# 
loop_
_struct_asym.id 
_struct_asym.pdbx_blank_PDB_chainid_flag 
_struct_asym.pdbx_modified 
_struct_asym.entity_id 
_struct_asym.details 
A N N 1 ? 
B N N 1 ? 
C N N 2 ? 
D N N 2 ? 
# 
_struct_ref.id                         1 
_struct_ref.entity_id                  1 
_struct_ref.db_name                    PDB 
_struct_ref.db_code                    213D 
_struct_ref.pdbx_db_accession          213D 
_struct_ref.pdbx_db_isoform            ? 
_struct_ref.pdbx_seq_one_letter_code   ? 
_struct_ref.pdbx_align_begin           ? 
# 
loop_
_struct_ref_seq.align_id 
_struct_ref_seq.ref_id 
_struct_ref_seq.pdbx_PDB_id_code 
_struct_ref_seq.pdbx_strand_id 
_struct_ref_seq.seq_align_beg 
_struct_ref_seq.pdbx_seq_align_beg_ins_code 
_struct_ref_seq.seq_align_end 
_struct_ref_seq.pdbx_seq_align_end_ins_code 
_struct_ref_seq.pdbx_db_accession 
_struct_ref_seq.db_align_beg 
_struct_ref_seq.pdbx_db_align_beg_ins_code 
_struct_ref_seq.db_align_end 
_struct_ref_seq.pdbx_db_align_end_ins_code 
_struct_ref_seq.pdbx_auth_seq_align_beg 
_struct_ref_seq.pdbx_auth_seq_align_end 
1 1 213D A 1 ? 10 ? 213D 1  ? 10 ? 1  10 
2 1 213D B 1 ? 10 ? 213D 11 ? 20 ? 11 20 
# 
_pdbx_struct_assembly.id                   1 
_pdbx_struct_assembly.details              author_defined_assembly 
_pdbx_struct_assembly.method_details       ? 
_pdbx_struct_assembly.oligomeric_details   dimeric 
_pdbx_struct_assembly.oligomeric_count     2 
# 
_pdbx_struct_assembly_gen.assembly_id       1 
_pdbx_struct_assembly_gen.oper_expression   1 
_pdbx_struct_assembly_gen.asym_id_list      A,B,C,D 
# 
_pdbx_struct_oper_list.id                   1 
_pdbx_struct_oper_list.type                 'identity operation' 
_pdbx_struct_oper_list.name                 1_555 
_pdbx_struct_oper_list.symmetry_operation   x,y,z 
_pdbx_struct_oper_list.matrix[1][1]         1.0000000000 
_pdbx_struct_oper_list.matrix[1][2]         0.0000000000 
_pdbx_struct_oper_list.matrix[1][3]         0.0000000000 
_pdbx_struct_oper_list.vector[1]            0.0000000000 
_pdbx_struct_oper_list.matrix[2][1]         0.0000000000 
_pdbx_struct_oper_list.matrix[2][2]         1.0000000000 
_pdbx_struct_oper_list.matrix[2][3]         0.0000000000 
_pdbx_struct_oper_list.vector[2]            0.0000000000 
_pdbx_struct_oper_list.matrix[3][1]         0.0000000000 
_pdbx_struct_oper_list.matrix[3][2]         0.0000000000 
_pdbx_struct_oper_list.matrix[3][3]         1.0000000000 
_pdbx_struct_oper_list.vector[3]            0.0000000000 
# 
_struct_biol.id   1 
# 
loop_
_struct_conn.id 
_struct_conn.conn_type_id 
_struct_conn.pdbx_leaving_atom_flag 
_struct_conn.pdbx_PDB_id 
_struct_conn.ptnr1_label_asym_id 
_struct_conn.ptnr1_label_comp_id 
_struct_conn.ptnr1_label_seq_id 
_struct_conn.ptnr1_label_atom_id 
_struct_conn.pdbx_ptnr1_label_alt_id 
_struct_conn.pdbx_ptnr1_PDB_ins_code 
_struct_conn.pdbx_ptnr1_standard_comp_id 
_struct_conn.ptnr1_symmetry 
_struct_conn.ptnr2_label_asym_id 
_struct_conn.ptnr2_label_comp_id 
_struct_conn.ptnr2_label_seq_id 
_struct_conn.ptnr2_label_atom_id 
_struct_conn.pdbx_ptnr2_label_alt_id 
_struct_conn.pdbx_ptnr2_PDB_ins_code 
_struct_conn.ptnr1_auth_asym_id 
_struct_conn.ptnr1_auth_comp_id 
_struct_conn.ptnr1_auth_seq_id 
_struct_conn.ptnr2_auth_asym_id 
_struct_conn.ptnr2_auth_comp_id 
_struct_conn.ptnr2_auth_seq_id 
_struct_conn.ptnr2_symmetry 
_struct_conn.pdbx_ptnr3_label_atom_id 
_struct_conn.pdbx_ptnr3_label_seq_id 
_struct_conn.pdbx_ptnr3_label_comp_id 
_struct_conn.pdbx_ptnr3_label_asym_id 
_struct_conn.pdbx_ptnr3_label_alt_id 
_struct_conn.pdbx_ptnr3_PDB_ins_code 
_struct_conn.details 
_struct_conn.pdbx_dist_value 
_struct_conn.pdbx_value_order 
_struct_conn.pdbx_role 
covale1  covale both ? A DC  7  "O3'" ? ? ? 1_555 A 5CM 8  P  ? ? A DC  7  A 5CM 8  1_555 ? ? ? ? ? ? ?            1.606 ? ? 
covale2  covale both ? A 5CM 8  "O3'" ? ? ? 1_555 A DG  9  P  ? ? A 5CM 8  A DG  9  1_555 ? ? ? ? ? ? ?            1.610 ? ? 
covale3  covale both ? B DC  7  "O3'" ? ? ? 1_555 B 5CM 8  P  ? ? B DC  17 B 5CM 18 1_555 ? ? ? ? ? ? ?            1.599 ? ? 
covale4  covale both ? B 5CM 8  "O3'" ? ? ? 1_555 B DG  9  P  ? ? B 5CM 18 B DG  19 1_555 ? ? ? ? ? ? ?            1.626 ? ? 
hydrog1  hydrog ?    ? A DC  1  N3    ? ? ? 1_555 B DG  10 N1 ? ? A DC  1  B DG  20 1_555 ? ? ? ? ? ? WATSON-CRICK ?     ? ? 
hydrog2  hydrog ?    ? A DC  1  N4    ? ? ? 1_555 B DG  10 O6 ? ? A DC  1  B DG  20 1_555 ? ? ? ? ? ? WATSON-CRICK ?     ? ? 
hydrog3  hydrog ?    ? A DC  1  O2    ? ? ? 1_555 B DG  10 N2 ? ? A DC  1  B DG  20 1_555 ? ? ? ? ? ? WATSON-CRICK ?     ? ? 
hydrog4  hydrog ?    ? A DC  2  N3    ? ? ? 1_555 B DG  9  N1 ? ? A DC  2  B DG  19 1_555 ? ? ? ? ? ? WATSON-CRICK ?     ? ? 
hydrog5  hydrog ?    ? A DC  2  N4    ? ? ? 1_555 B DG  9  O6 ? ? A DC  2  B DG  19 1_555 ? ? ? ? ? ? WATSON-CRICK ?     ? ? 
hydrog6  hydrog ?    ? A DC  2  O2    ? ? ? 1_555 B DG  9  N2 ? ? A DC  2  B DG  19 1_555 ? ? ? ? ? ? WATSON-CRICK ?     ? ? 
hydrog7  hydrog ?    ? A DG  4  N1    ? ? ? 1_555 B DC  7  N3 ? ? A DG  4  B DC  17 1_555 ? ? ? ? ? ? WATSON-CRICK ?     ? ? 
hydrog8  hydrog ?    ? A DG  4  N2    ? ? ? 1_555 B DC  7  O2 ? ? A DG  4  B DC  17 1_555 ? ? ? ? ? ? WATSON-CRICK ?     ? ? 
hydrog9  hydrog ?    ? A DG  4  O6    ? ? ? 1_555 B DC  7  N4 ? ? A DG  4  B DC  17 1_555 ? ? ? ? ? ? WATSON-CRICK ?     ? ? 
hydrog10 hydrog ?    ? A DG  5  N1    ? ? ? 1_555 B DC  6  N3 ? ? A DG  5  B DC  16 1_555 ? ? ? ? ? ? WATSON-CRICK ?     ? ? 
hydrog11 hydrog ?    ? A DG  5  N2    ? ? ? 1_555 B DC  6  O2 ? ? A DG  5  B DC  16 1_555 ? ? ? ? ? ? WATSON-CRICK ?     ? ? 
hydrog12 hydrog ?    ? A DG  5  O6    ? ? ? 1_555 B DC  6  N4 ? ? A DG  5  B DC  16 1_555 ? ? ? ? ? ? WATSON-CRICK ?     ? ? 
hydrog13 hydrog ?    ? A DC  6  N3    ? ? ? 1_555 B DG  5  N1 ? ? A DC  6  B DG  15 1_555 ? ? ? ? ? ? WATSON-CRICK ?     ? ? 
hydrog14 hydrog ?    ? A DC  6  N4    ? ? ? 1_555 B DG  5  O6 ? ? A DC  6  B DG  15 1_555 ? ? ? ? ? ? WATSON-CRICK ?     ? ? 
hydrog15 hydrog ?    ? A DC  6  O2    ? ? ? 1_555 B DG  5  N2 ? ? A DC  6  B DG  15 1_555 ? ? ? ? ? ? WATSON-CRICK ?     ? ? 
hydrog16 hydrog ?    ? A DC  7  N3    ? ? ? 1_555 B DG  4  N1 ? ? A DC  7  B DG  14 1_555 ? ? ? ? ? ? WATSON-CRICK ?     ? ? 
hydrog17 hydrog ?    ? A DC  7  N4    ? ? ? 1_555 B DG  4  O6 ? ? A DC  7  B DG  14 1_555 ? ? ? ? ? ? WATSON-CRICK ?     ? ? 
hydrog18 hydrog ?    ? A DC  7  O2    ? ? ? 1_555 B DG  4  N2 ? ? A DC  7  B DG  14 1_555 ? ? ? ? ? ? WATSON-CRICK ?     ? ? 
hydrog19 hydrog ?    ? A DG  9  N1    ? ? ? 1_555 B DC  2  N3 ? ? A DG  9  B DC  12 1_555 ? ? ? ? ? ? WATSON-CRICK ?     ? ? 
hydrog20 hydrog ?    ? A DG  9  N2    ? ? ? 1_555 B DC  2  O2 ? ? A DG  9  B DC  12 1_555 ? ? ? ? ? ? WATSON-CRICK ?     ? ? 
hydrog21 hydrog ?    ? A DG  9  O6    ? ? ? 1_555 B DC  2  N4 ? ? A DG  9  B DC  12 1_555 ? ? ? ? ? ? WATSON-CRICK ?     ? ? 
hydrog22 hydrog ?    ? A DG  10 N1    ? ? ? 1_555 B DC  1  N3 ? ? A DG  10 B DC  11 1_555 ? ? ? ? ? ? WATSON-CRICK ?     ? ? 
hydrog23 hydrog ?    ? A DG  10 N2    ? ? ? 1_555 B DC  1  O2 ? ? A DG  10 B DC  11 1_555 ? ? ? ? ? ? WATSON-CRICK ?     ? ? 
hydrog24 hydrog ?    ? A DG  10 O6    ? ? ? 1_555 B DC  1  N4 ? ? A DG  10 B DC  11 1_555 ? ? ? ? ? ? WATSON-CRICK ?     ? ? 
# 
loop_
_struct_conn_type.id 
_struct_conn_type.criteria 
_struct_conn_type.reference 
covale ? ? 
hydrog ? ? 
# 
_pdbx_validate_rmsd_bond.id                        1 
_pdbx_validate_rmsd_bond.PDB_model_num             1 
_pdbx_validate_rmsd_bond.auth_atom_id_1            "C5'" 
_pdbx_validate_rmsd_bond.auth_asym_id_1            A 
_pdbx_validate_rmsd_bond.auth_comp_id_1            DC 
_pdbx_validate_rmsd_bond.auth_seq_id_1             6 
_pdbx_validate_rmsd_bond.PDB_ins_code_1            ? 
_pdbx_validate_rmsd_bond.label_alt_id_1            ? 
_pdbx_validate_rmsd_bond.auth_atom_id_2            "C4'" 
_pdbx_validate_rmsd_bond.auth_asym_id_2            A 
_pdbx_validate_rmsd_bond.auth_comp_id_2            DC 
_pdbx_validate_rmsd_bond.auth_seq_id_2             6 
_pdbx_validate_rmsd_bond.PDB_ins_code_2            ? 
_pdbx_validate_rmsd_bond.label_alt_id_2            ? 
_pdbx_validate_rmsd_bond.bond_value                1.556 
_pdbx_validate_rmsd_bond.bond_target_value         1.512 
_pdbx_validate_rmsd_bond.bond_deviation            0.044 
_pdbx_validate_rmsd_bond.bond_standard_deviation   0.007 
_pdbx_validate_rmsd_bond.linker_flag               N 
# 
loop_
_pdbx_validate_rmsd_angle.id 
_pdbx_validate_rmsd_angle.PDB_model_num 
_pdbx_validate_rmsd_angle.auth_atom_id_1 
_pdbx_validate_rmsd_angle.auth_asym_id_1 
_pdbx_validate_rmsd_angle.auth_comp_id_1 
_pdbx_validate_rmsd_angle.auth_seq_id_1 
_pdbx_validate_rmsd_angle.PDB_ins_code_1 
_pdbx_validate_rmsd_angle.label_alt_id_1 
_pdbx_validate_rmsd_angle.auth_atom_id_2 
_pdbx_validate_rmsd_angle.auth_asym_id_2 
_pdbx_validate_rmsd_angle.auth_comp_id_2 
_pdbx_validate_rmsd_angle.auth_seq_id_2 
_pdbx_validate_rmsd_angle.PDB_ins_code_2 
_pdbx_validate_rmsd_angle.label_alt_id_2 
_pdbx_validate_rmsd_angle.auth_atom_id_3 
_pdbx_validate_rmsd_angle.auth_asym_id_3 
_pdbx_validate_rmsd_angle.auth_comp_id_3 
_pdbx_validate_rmsd_angle.auth_seq_id_3 
_pdbx_validate_rmsd_angle.PDB_ins_code_3 
_pdbx_validate_rmsd_angle.label_alt_id_3 
_pdbx_validate_rmsd_angle.angle_value 
_pdbx_validate_rmsd_angle.angle_target_value 
_pdbx_validate_rmsd_angle.angle_deviation 
_pdbx_validate_rmsd_angle.angle_standard_deviation 
_pdbx_validate_rmsd_angle.linker_flag 
1  1 "C4'" A DC 1  ? ? "C3'" A DC  1  ? ? "C2'" A DC  1  ? ? 97.49  102.20 -4.71  0.70 N 
2  1 "O4'" A DC 1  ? ? "C1'" A DC  1  ? ? N1    A DC  1  ? ? 110.93 108.30 2.63   0.30 N 
3  1 "O3'" A DC 1  ? ? P     A DC  2  ? ? "O5'" A DC  2  ? ? 120.72 104.00 16.72  1.90 Y 
4  1 "O4'" A DC 2  ? ? "C1'" A DC  2  ? ? N1    A DC  2  ? ? 111.80 108.30 3.50   0.30 N 
5  1 N1    A DC 2  ? ? C2    A DC  2  ? ? O2    A DC  2  ? ? 122.75 118.90 3.85   0.60 N 
6  1 "O3'" A DC 2  ? ? P     A DI  3  ? ? "O5'" A DI  3  ? ? 118.79 104.00 14.79  1.90 Y 
7  1 "O3'" A DC 2  ? ? P     A DI  3  ? ? OP2   A DI  3  ? ? 90.95  105.20 -14.25 2.20 Y 
8  1 "O4'" A DG 5  ? ? "C1'" A DG  5  ? ? N9    A DG  5  ? ? 112.34 108.30 4.04   0.30 N 
9  1 "O3'" A DG 5  ? ? P     A DC  6  ? ? "O5'" A DC  6  ? ? 92.25  104.00 -11.75 1.90 Y 
10 1 "O3'" A DG 5  ? ? P     A DC  6  ? ? OP2   A DC  6  ? ? 120.63 110.50 10.13  1.10 Y 
11 1 "O4'" A DC 6  ? ? "C1'" A DC  6  ? ? N1    A DC  6  ? ? 114.70 108.30 6.40   0.30 N 
12 1 N1    A DC 6  ? ? C2    A DC  6  ? ? O2    A DC  6  ? ? 122.55 118.90 3.65   0.60 N 
13 1 "O3'" A DC 6  ? ? P     A DC  7  ? ? OP2   A DC  7  ? ? 128.96 110.50 18.46  1.10 Y 
14 1 "O3'" A DC 6  ? ? P     A DC  7  ? ? OP1   A DC  7  ? ? 76.14  105.20 -29.06 2.20 Y 
15 1 "C4'" A DC 7  ? ? "C3'" A DC  7  ? ? "C2'" A DC  7  ? ? 97.52  102.20 -4.68  0.70 N 
16 1 "O4'" A DC 7  ? ? "C1'" A DC  7  ? ? N1    A DC  7  ? ? 111.73 108.30 3.43   0.30 N 
17 1 C2    A DC 7  ? ? N3    A DC  7  ? ? C4    A DC  7  ? ? 122.94 119.90 3.04   0.50 N 
18 1 N1    A DC 7  ? ? C2    A DC  7  ? ? O2    A DC  7  ? ? 124.30 118.90 5.40   0.60 N 
19 1 "C4'" A DG 9  ? ? "C3'" A DG  9  ? ? "C2'" A DG  9  ? ? 97.43  102.20 -4.77  0.70 N 
20 1 "O4'" A DG 10 ? ? "C1'" A DG  10 ? ? N9    A DG  10 ? ? 112.81 108.30 4.51   0.30 N 
21 1 "O4'" B DC 11 ? ? "C1'" B DC  11 ? ? N1    B DC  11 ? ? 112.78 108.30 4.48   0.30 N 
22 1 "C3'" B DC 11 ? ? "O3'" B DC  11 ? ? P     B DC  12 ? ? 126.99 119.70 7.29   1.20 Y 
23 1 "O3'" B DC 11 ? ? P     B DC  12 ? ? OP2   B DC  12 ? ? 83.96  105.20 -21.24 2.20 Y 
24 1 "O3'" B DC 11 ? ? P     B DC  12 ? ? OP1   B DC  12 ? ? 53.60  105.20 -51.60 2.20 Y 
25 1 "O4'" B DC 12 ? ? "C1'" B DC  12 ? ? N1    B DC  12 ? ? 112.61 108.30 4.31   0.30 N 
26 1 "O4'" B DG 14 ? ? "C1'" B DG  14 ? ? N9    B DG  14 ? ? 112.18 108.30 3.88   0.30 N 
27 1 "O3'" B DG 15 ? ? P     B DC  16 ? ? OP1   B DC  16 ? ? 89.08  105.20 -16.12 2.20 Y 
28 1 "O4'" B DC 16 ? ? "C1'" B DC  16 ? ? N1    B DC  16 ? ? 113.22 108.30 4.92   0.30 N 
29 1 N1    B DC 16 ? ? C2    B DC  16 ? ? O2    B DC  16 ? ? 122.88 118.90 3.98   0.60 N 
30 1 "O3'" B DC 16 ? ? P     B DC  17 ? ? OP2   B DC  17 ? ? 121.39 110.50 10.89  1.10 Y 
31 1 "C4'" B DC 17 ? ? "C3'" B DC  17 ? ? "C2'" B DC  17 ? ? 97.46  102.20 -4.74  0.70 N 
32 1 "O4'" B DC 17 ? ? "C1'" B DC  17 ? ? N1    B DC  17 ? ? 112.18 108.30 3.88   0.30 N 
33 1 N1    B DC 17 ? ? C2    B DC  17 ? ? O2    B DC  17 ? ? 123.04 118.90 4.14   0.60 N 
34 1 N3    B DC 17 ? ? C2    B DC  17 ? ? O2    B DC  17 ? ? 117.25 121.90 -4.65  0.70 N 
35 1 "O3'" B DC 17 ? ? P     B 5CM 18 ? ? OP2   B 5CM 18 ? ? 119.43 110.50 8.93   1.10 Y 
36 1 "C4'" B DG 19 ? ? "C3'" B DG  19 ? ? "C2'" B DG  19 ? ? 97.66  102.20 -4.54  0.70 N 
37 1 "O4'" B DG 19 ? ? "C1'" B DG  19 ? ? N9    B DG  19 ? ? 110.71 108.30 2.41   0.30 N 
38 1 "O4'" B DG 20 ? ? "C1'" B DG  20 ? ? N9    B DG  20 ? ? 110.55 108.30 2.25   0.30 N 
# 
loop_
_pdbx_validate_planes.id 
_pdbx_validate_planes.PDB_model_num 
_pdbx_validate_planes.auth_comp_id 
_pdbx_validate_planes.auth_asym_id 
_pdbx_validate_planes.auth_seq_id 
_pdbx_validate_planes.PDB_ins_code 
_pdbx_validate_planes.label_alt_id 
_pdbx_validate_planes.rmsd 
_pdbx_validate_planes.type 
1 1 DG A 10 ? ? 0.053 'SIDE CHAIN' 
2 1 DG B 20 ? ? 0.063 'SIDE CHAIN' 
# 
loop_
_pdbx_struct_mod_residue.id 
_pdbx_struct_mod_residue.label_asym_id 
_pdbx_struct_mod_residue.label_comp_id 
_pdbx_struct_mod_residue.label_seq_id 
_pdbx_struct_mod_residue.auth_asym_id 
_pdbx_struct_mod_residue.auth_comp_id 
_pdbx_struct_mod_residue.auth_seq_id 
_pdbx_struct_mod_residue.PDB_ins_code 
_pdbx_struct_mod_residue.parent_comp_id 
_pdbx_struct_mod_residue.details 
1 A 5CM 8 A 5CM 8  ? DC ? 
2 B 5CM 8 B 5CM 18 ? DC ? 
# 
loop_
_refine_B_iso.class 
_refine_B_iso.details 
_refine_B_iso.treatment 
_refine_B_iso.pdbx_refine_id 
'ALL ATOMS'  TR isotropic 'X-RAY DIFFRACTION' 
'ALL WATERS' TR isotropic 'X-RAY DIFFRACTION' 
# 
loop_
_refine_occupancy.class 
_refine_occupancy.treatment 
_refine_occupancy.pdbx_refine_id 
'ALL ATOMS'  fix 'X-RAY DIFFRACTION' 
'ALL WATERS' fix 'X-RAY DIFFRACTION' 
# 
loop_
_chem_comp_atom.comp_id 
_chem_comp_atom.atom_id 
_chem_comp_atom.type_symbol 
_chem_comp_atom.pdbx_aromatic_flag 
_chem_comp_atom.pdbx_stereo_config 
_chem_comp_atom.pdbx_ordinal 
5CM N1     N N N 1   
5CM C2     C N N 2   
5CM N3     N N N 3   
5CM C4     C N N 4   
5CM C5     C N N 5   
5CM C5A    C N N 6   
5CM C6     C N N 7   
5CM O2     O N N 8   
5CM N4     N N N 9   
5CM "C1'"  C N R 10  
5CM "C2'"  C N N 11  
5CM "C3'"  C N S 12  
5CM "C4'"  C N R 13  
5CM "O4'"  O N N 14  
5CM "O3'"  O N N 15  
5CM "C5'"  C N N 16  
5CM "O5'"  O N N 17  
5CM P      P N N 18  
5CM OP1    O N N 19  
5CM OP2    O N N 20  
5CM OP3    O N N 21  
5CM H5A1   H N N 22  
5CM H5A2   H N N 23  
5CM H5A3   H N N 24  
5CM H6     H N N 25  
5CM HN41   H N N 26  
5CM HN42   H N N 27  
5CM "H1'"  H N N 28  
5CM "H2'"  H N N 29  
5CM "H2''" H N N 30  
5CM "H3'"  H N N 31  
5CM "H4'"  H N N 32  
5CM "HO3'" H N N 33  
5CM "H5'"  H N N 34  
5CM "H5''" H N N 35  
5CM HOP2   H N N 36  
5CM HOP3   H N N 37  
DC  OP3    O N N 38  
DC  P      P N N 39  
DC  OP1    O N N 40  
DC  OP2    O N N 41  
DC  "O5'"  O N N 42  
DC  "C5'"  C N N 43  
DC  "C4'"  C N R 44  
DC  "O4'"  O N N 45  
DC  "C3'"  C N S 46  
DC  "O3'"  O N N 47  
DC  "C2'"  C N N 48  
DC  "C1'"  C N R 49  
DC  N1     N N N 50  
DC  C2     C N N 51  
DC  O2     O N N 52  
DC  N3     N N N 53  
DC  C4     C N N 54  
DC  N4     N N N 55  
DC  C5     C N N 56  
DC  C6     C N N 57  
DC  HOP3   H N N 58  
DC  HOP2   H N N 59  
DC  "H5'"  H N N 60  
DC  "H5''" H N N 61  
DC  "H4'"  H N N 62  
DC  "H3'"  H N N 63  
DC  "HO3'" H N N 64  
DC  "H2'"  H N N 65  
DC  "H2''" H N N 66  
DC  "H1'"  H N N 67  
DC  H41    H N N 68  
DC  H42    H N N 69  
DC  H5     H N N 70  
DC  H6     H N N 71  
DG  OP3    O N N 72  
DG  P      P N N 73  
DG  OP1    O N N 74  
DG  OP2    O N N 75  
DG  "O5'"  O N N 76  
DG  "C5'"  C N N 77  
DG  "C4'"  C N R 78  
DG  "O4'"  O N N 79  
DG  "C3'"  C N S 80  
DG  "O3'"  O N N 81  
DG  "C2'"  C N N 82  
DG  "C1'"  C N R 83  
DG  N9     N Y N 84  
DG  C8     C Y N 85  
DG  N7     N Y N 86  
DG  C5     C Y N 87  
DG  C6     C N N 88  
DG  O6     O N N 89  
DG  N1     N N N 90  
DG  C2     C N N 91  
DG  N2     N N N 92  
DG  N3     N N N 93  
DG  C4     C Y N 94  
DG  HOP3   H N N 95  
DG  HOP2   H N N 96  
DG  "H5'"  H N N 97  
DG  "H5''" H N N 98  
DG  "H4'"  H N N 99  
DG  "H3'"  H N N 100 
DG  "HO3'" H N N 101 
DG  "H2'"  H N N 102 
DG  "H2''" H N N 103 
DG  "H1'"  H N N 104 
DG  H8     H N N 105 
DG  H1     H N N 106 
DG  H21    H N N 107 
DG  H22    H N N 108 
DI  OP3    O N N 109 
DI  P      P N N 110 
DI  OP1    O N N 111 
DI  OP2    O N N 112 
DI  "O5'"  O N N 113 
DI  "C5'"  C N N 114 
DI  "C4'"  C N R 115 
DI  "O4'"  O N N 116 
DI  "C3'"  C N S 117 
DI  "O3'"  O N N 118 
DI  "C2'"  C N N 119 
DI  "C1'"  C N R 120 
DI  N9     N Y N 121 
DI  C8     C Y N 122 
DI  N7     N Y N 123 
DI  C5     C Y N 124 
DI  C6     C N N 125 
DI  O6     O N N 126 
DI  N1     N N N 127 
DI  C2     C N N 128 
DI  N3     N N N 129 
DI  C4     C Y N 130 
DI  HOP3   H N N 131 
DI  HOP2   H N N 132 
DI  "H5'"  H N N 133 
DI  "H5''" H N N 134 
DI  "H4'"  H N N 135 
DI  "H3'"  H N N 136 
DI  "HO3'" H N N 137 
DI  "H2'"  H N N 138 
DI  "H2''" H N N 139 
DI  "H1'"  H N N 140 
DI  H8     H N N 141 
DI  H1     H N N 142 
DI  H2     H N N 143 
HOH O      O N N 144 
HOH H1     H N N 145 
HOH H2     H N N 146 
# 
loop_
_chem_comp_bond.comp_id 
_chem_comp_bond.atom_id_1 
_chem_comp_bond.atom_id_2 
_chem_comp_bond.value_order 
_chem_comp_bond.pdbx_aromatic_flag 
_chem_comp_bond.pdbx_stereo_config 
_chem_comp_bond.pdbx_ordinal 
5CM N1    C2     sing N N 1   
5CM N1    C6     sing N N 2   
5CM N1    "C1'"  sing N N 3   
5CM C2    N3     sing N N 4   
5CM C2    O2     doub N N 5   
5CM N3    C4     doub N N 6   
5CM C4    C5     sing N N 7   
5CM C4    N4     sing N N 8   
5CM C5    C5A    sing N N 9   
5CM C5    C6     doub N N 10  
5CM C5A   H5A1   sing N N 11  
5CM C5A   H5A2   sing N N 12  
5CM C5A   H5A3   sing N N 13  
5CM C6    H6     sing N N 14  
5CM N4    HN41   sing N N 15  
5CM N4    HN42   sing N N 16  
5CM "C1'" "C2'"  sing N N 17  
5CM "C1'" "O4'"  sing N N 18  
5CM "C1'" "H1'"  sing N N 19  
5CM "C2'" "C3'"  sing N N 20  
5CM "C2'" "H2'"  sing N N 21  
5CM "C2'" "H2''" sing N N 22  
5CM "C3'" "C4'"  sing N N 23  
5CM "C3'" "O3'"  sing N N 24  
5CM "C3'" "H3'"  sing N N 25  
5CM "C4'" "O4'"  sing N N 26  
5CM "C4'" "C5'"  sing N N 27  
5CM "C4'" "H4'"  sing N N 28  
5CM "O3'" "HO3'" sing N N 29  
5CM "C5'" "O5'"  sing N N 30  
5CM "C5'" "H5'"  sing N N 31  
5CM "C5'" "H5''" sing N N 32  
5CM "O5'" P      sing N N 33  
5CM P     OP1    doub N N 34  
5CM P     OP2    sing N N 35  
5CM P     OP3    sing N N 36  
5CM OP2   HOP2   sing N N 37  
5CM OP3   HOP3   sing N N 38  
DC  OP3   P      sing N N 39  
DC  OP3   HOP3   sing N N 40  
DC  P     OP1    doub N N 41  
DC  P     OP2    sing N N 42  
DC  P     "O5'"  sing N N 43  
DC  OP2   HOP2   sing N N 44  
DC  "O5'" "C5'"  sing N N 45  
DC  "C5'" "C4'"  sing N N 46  
DC  "C5'" "H5'"  sing N N 47  
DC  "C5'" "H5''" sing N N 48  
DC  "C4'" "O4'"  sing N N 49  
DC  "C4'" "C3'"  sing N N 50  
DC  "C4'" "H4'"  sing N N 51  
DC  "O4'" "C1'"  sing N N 52  
DC  "C3'" "O3'"  sing N N 53  
DC  "C3'" "C2'"  sing N N 54  
DC  "C3'" "H3'"  sing N N 55  
DC  "O3'" "HO3'" sing N N 56  
DC  "C2'" "C1'"  sing N N 57  
DC  "C2'" "H2'"  sing N N 58  
DC  "C2'" "H2''" sing N N 59  
DC  "C1'" N1     sing N N 60  
DC  "C1'" "H1'"  sing N N 61  
DC  N1    C2     sing N N 62  
DC  N1    C6     sing N N 63  
DC  C2    O2     doub N N 64  
DC  C2    N3     sing N N 65  
DC  N3    C4     doub N N 66  
DC  C4    N4     sing N N 67  
DC  C4    C5     sing N N 68  
DC  N4    H41    sing N N 69  
DC  N4    H42    sing N N 70  
DC  C5    C6     doub N N 71  
DC  C5    H5     sing N N 72  
DC  C6    H6     sing N N 73  
DG  OP3   P      sing N N 74  
DG  OP3   HOP3   sing N N 75  
DG  P     OP1    doub N N 76  
DG  P     OP2    sing N N 77  
DG  P     "O5'"  sing N N 78  
DG  OP2   HOP2   sing N N 79  
DG  "O5'" "C5'"  sing N N 80  
DG  "C5'" "C4'"  sing N N 81  
DG  "C5'" "H5'"  sing N N 82  
DG  "C5'" "H5''" sing N N 83  
DG  "C4'" "O4'"  sing N N 84  
DG  "C4'" "C3'"  sing N N 85  
DG  "C4'" "H4'"  sing N N 86  
DG  "O4'" "C1'"  sing N N 87  
DG  "C3'" "O3'"  sing N N 88  
DG  "C3'" "C2'"  sing N N 89  
DG  "C3'" "H3'"  sing N N 90  
DG  "O3'" "HO3'" sing N N 91  
DG  "C2'" "C1'"  sing N N 92  
DG  "C2'" "H2'"  sing N N 93  
DG  "C2'" "H2''" sing N N 94  
DG  "C1'" N9     sing N N 95  
DG  "C1'" "H1'"  sing N N 96  
DG  N9    C8     sing Y N 97  
DG  N9    C4     sing Y N 98  
DG  C8    N7     doub Y N 99  
DG  C8    H8     sing N N 100 
DG  N7    C5     sing Y N 101 
DG  C5    C6     sing N N 102 
DG  C5    C4     doub Y N 103 
DG  C6    O6     doub N N 104 
DG  C6    N1     sing N N 105 
DG  N1    C2     sing N N 106 
DG  N1    H1     sing N N 107 
DG  C2    N2     sing N N 108 
DG  C2    N3     doub N N 109 
DG  N2    H21    sing N N 110 
DG  N2    H22    sing N N 111 
DG  N3    C4     sing N N 112 
DI  OP3   P      sing N N 113 
DI  OP3   HOP3   sing N N 114 
DI  P     OP1    doub N N 115 
DI  P     OP2    sing N N 116 
DI  P     "O5'"  sing N N 117 
DI  OP2   HOP2   sing N N 118 
DI  "O5'" "C5'"  sing N N 119 
DI  "C5'" "C4'"  sing N N 120 
DI  "C5'" "H5'"  sing N N 121 
DI  "C5'" "H5''" sing N N 122 
DI  "C4'" "O4'"  sing N N 123 
DI  "C4'" "C3'"  sing N N 124 
DI  "C4'" "H4'"  sing N N 125 
DI  "O4'" "C1'"  sing N N 126 
DI  "C3'" "O3'"  sing N N 127 
DI  "C3'" "C2'"  sing N N 128 
DI  "C3'" "H3'"  sing N N 129 
DI  "O3'" "HO3'" sing N N 130 
DI  "C2'" "C1'"  sing N N 131 
DI  "C2'" "H2'"  sing N N 132 
DI  "C2'" "H2''" sing N N 133 
DI  "C1'" N9     sing N N 134 
DI  "C1'" "H1'"  sing N N 135 
DI  N9    C8     sing Y N 136 
DI  N9    C4     sing Y N 137 
DI  C8    N7     doub Y N 138 
DI  C8    H8     sing N N 139 
DI  N7    C5     sing Y N 140 
DI  C5    C6     sing N N 141 
DI  C5    C4     doub Y N 142 
DI  C6    O6     doub N N 143 
DI  C6    N1     sing N N 144 
DI  N1    C2     sing N N 145 
DI  N1    H1     sing N N 146 
DI  C2    N3     doub N N 147 
DI  C2    H2     sing N N 148 
DI  N3    C4     sing N N 149 
HOH O     H1     sing N N 150 
HOH O     H2     sing N N 151 
# 
loop_
_ndb_struct_conf_na.entry_id 
_ndb_struct_conf_na.feature 
213D 'a-form double helix'  
213D 'mismatched base pair' 
# 
loop_
_ndb_struct_na_base_pair.model_number 
_ndb_struct_na_base_pair.i_label_asym_id 
_ndb_struct_na_base_pair.i_label_comp_id 
_ndb_struct_na_base_pair.i_label_seq_id 
_ndb_struct_na_base_pair.i_symmetry 
_ndb_struct_na_base_pair.j_label_asym_id 
_ndb_struct_na_base_pair.j_label_comp_id 
_ndb_struct_na_base_pair.j_label_seq_id 
_ndb_struct_na_base_pair.j_symmetry 
_ndb_struct_na_base_pair.shear 
_ndb_struct_na_base_pair.stretch 
_ndb_struct_na_base_pair.stagger 
_ndb_struct_na_base_pair.buckle 
_ndb_struct_na_base_pair.propeller 
_ndb_struct_na_base_pair.opening 
_ndb_struct_na_base_pair.pair_number 
_ndb_struct_na_base_pair.pair_name 
_ndb_struct_na_base_pair.i_auth_asym_id 
_ndb_struct_na_base_pair.i_auth_seq_id 
_ndb_struct_na_base_pair.i_PDB_ins_code 
_ndb_struct_na_base_pair.j_auth_asym_id 
_ndb_struct_na_base_pair.j_auth_seq_id 
_ndb_struct_na_base_pair.j_PDB_ins_code 
_ndb_struct_na_base_pair.hbond_type_28 
_ndb_struct_na_base_pair.hbond_type_12 
1 A DC 1  1_555 B DG 10 1_555 0.403  -0.099 0.124  -5.074  -0.436  -1.343 1 A_DC1:DG20_B  A 1  ? B 20 ? 19 1 
1 A DC 2  1_555 B DG 9  1_555 0.348  -0.196 -0.149 4.836   -7.005  1.428  2 A_DC2:DG19_B  A 2  ? B 19 ? 19 1 
1 A DG 4  1_555 B DC 7  1_555 -0.286 -0.180 -0.076 -3.996  -11.371 -1.391 3 A_DG4:DC17_B  A 4  ? B 17 ? 19 1 
1 A DG 5  1_555 B DC 6  1_555 -0.274 -0.168 -0.009 -4.045  -7.973  -0.264 4 A_DG5:DC16_B  A 5  ? B 16 ? 19 1 
1 A DC 6  1_555 B DG 5  1_555 0.190  -0.202 -0.190 -0.692  -10.759 -0.706 5 A_DC6:DG15_B  A 6  ? B 15 ? 19 1 
1 A DC 7  1_555 B DG 4  1_555 0.462  -0.153 -0.119 -0.201  -6.837  1.910  6 A_DC7:DG14_B  A 7  ? B 14 ? 19 1 
1 A DG 9  1_555 B DC 2  1_555 -0.424 -0.197 -0.384 -13.378 -5.579  1.033  7 A_DG9:DC12_B  A 9  ? B 12 ? 19 1 
1 A DG 10 1_555 B DC 1  1_555 -0.115 -0.121 -0.179 -3.068  8.291   -2.400 8 A_DG10:DC11_B A 10 ? B 11 ? 19 1 
# 
loop_
_ndb_struct_na_base_pair_step.model_number 
_ndb_struct_na_base_pair_step.i_label_asym_id_1 
_ndb_struct_na_base_pair_step.i_label_comp_id_1 
_ndb_struct_na_base_pair_step.i_label_seq_id_1 
_ndb_struct_na_base_pair_step.i_symmetry_1 
_ndb_struct_na_base_pair_step.j_label_asym_id_1 
_ndb_struct_na_base_pair_step.j_label_comp_id_1 
_ndb_struct_na_base_pair_step.j_label_seq_id_1 
_ndb_struct_na_base_pair_step.j_symmetry_1 
_ndb_struct_na_base_pair_step.i_label_asym_id_2 
_ndb_struct_na_base_pair_step.i_label_comp_id_2 
_ndb_struct_na_base_pair_step.i_label_seq_id_2 
_ndb_struct_na_base_pair_step.i_symmetry_2 
_ndb_struct_na_base_pair_step.j_label_asym_id_2 
_ndb_struct_na_base_pair_step.j_label_comp_id_2 
_ndb_struct_na_base_pair_step.j_label_seq_id_2 
_ndb_struct_na_base_pair_step.j_symmetry_2 
_ndb_struct_na_base_pair_step.shift 
_ndb_struct_na_base_pair_step.slide 
_ndb_struct_na_base_pair_step.rise 
_ndb_struct_na_base_pair_step.tilt 
_ndb_struct_na_base_pair_step.roll 
_ndb_struct_na_base_pair_step.twist 
_ndb_struct_na_base_pair_step.x_displacement 
_ndb_struct_na_base_pair_step.y_displacement 
_ndb_struct_na_base_pair_step.helical_rise 
_ndb_struct_na_base_pair_step.inclination 
_ndb_struct_na_base_pair_step.tip 
_ndb_struct_na_base_pair_step.helical_twist 
_ndb_struct_na_base_pair_step.step_number 
_ndb_struct_na_base_pair_step.step_name 
_ndb_struct_na_base_pair_step.i_auth_asym_id_1 
_ndb_struct_na_base_pair_step.i_auth_seq_id_1 
_ndb_struct_na_base_pair_step.i_PDB_ins_code_1 
_ndb_struct_na_base_pair_step.j_auth_asym_id_1 
_ndb_struct_na_base_pair_step.j_auth_seq_id_1 
_ndb_struct_na_base_pair_step.j_PDB_ins_code_1 
_ndb_struct_na_base_pair_step.i_auth_asym_id_2 
_ndb_struct_na_base_pair_step.i_auth_seq_id_2 
_ndb_struct_na_base_pair_step.i_PDB_ins_code_2 
_ndb_struct_na_base_pair_step.j_auth_asym_id_2 
_ndb_struct_na_base_pair_step.j_auth_seq_id_2 
_ndb_struct_na_base_pair_step.j_PDB_ins_code_2 
1 A DC 1 1_555 B DG 10 1_555 A DC 2  1_555 B DG 9 1_555 0.373  -1.460 3.186 0.531 -0.587 34.543 -2.370 -0.548 3.215 -0.988 -0.894 
34.552 1 AA_DC1DC2:DG19DG20_BB  A 1 ? B 20 ? A 2  ? B 19 ? 
1 A DG 4 1_555 B DC 7  1_555 A DG 5  1_555 B DC 6 1_555 1.107  -1.925 3.312 1.768 12.705 26.062 -6.347 -1.862 2.221 26.245 -3.653 
28.998 2 AA_DG4DG5:DC16DC17_BB  A 4 ? B 17 ? A 5  ? B 16 ? 
1 A DG 5 1_555 B DC 6  1_555 A DC 6  1_555 B DG 5 1_555 -0.612 -1.349 3.320 0.756 8.496  33.098 -3.593 1.158  2.882 14.614 -1.301 
34.149 3 AA_DG5DC6:DG15DC16_BB  A 5 ? B 16 ? A 6  ? B 15 ? 
1 A DC 6 1_555 B DG 5  1_555 A DC 7  1_555 B DG 4 1_555 1.162  -1.837 3.381 1.553 10.539 29.164 -5.362 -1.890 2.631 20.104 -2.963 
31.009 4 AA_DC6DC7:DG14DG15_BB  A 6 ? B 15 ? A 7  ? B 14 ? 
1 A DG 9 1_555 B DC 2  1_555 A DG 10 1_555 B DC 1 1_555 -0.012 -1.920 3.221 0.545 1.661  30.128 -4.016 0.129  3.112 3.191  -1.047 
30.177 5 AA_DG9DG10:DC11DC12_BB A 9 ? B 12 ? A 10 ? B 11 ? 
# 
_atom_sites.entry_id                    213D 
_atom_sites.fract_transf_matrix[1][1]   -0.02165739 
_atom_sites.fract_transf_matrix[1][2]   0.03082679 
_atom_sites.fract_transf_matrix[1][3]   -0.01334568 
_atom_sites.fract_transf_matrix[2][1]   -0.01581233 
_atom_sites.fract_transf_matrix[2][2]   -0.00463846 
_atom_sites.fract_transf_matrix[2][3]   0.01494604 
_atom_sites.fract_transf_matrix[3][1]   0.00941952 
_atom_sites.fract_transf_matrix[3][2]   0.01262876 
_atom_sites.fract_transf_matrix[3][3]   0.01388478 
_atom_sites.fract_transf_vector[1]      0.134471 
_atom_sites.fract_transf_vector[2]      -0.028466 
_atom_sites.fract_transf_vector[3]      0.222427 
# 
loop_
_atom_type.symbol 
C 
N 
O 
P 
# 
loop_
_atom_site.group_PDB 
_atom_site.id 
_atom_site.type_symbol 
_atom_site.label_atom_id 
_atom_site.label_alt_id 
_atom_site.label_comp_id 
_atom_site.label_asym_id 
_atom_site.label_entity_id 
_atom_site.label_seq_id 
_atom_site.pdbx_PDB_ins_code 
_atom_site.Cartn_x 
_atom_site.Cartn_y 
_atom_site.Cartn_z 
_atom_site.occupancy 
_atom_site.B_iso_or_equiv 
_atom_site.pdbx_formal_charge 
_atom_site.auth_seq_id 
_atom_site.auth_comp_id 
_atom_site.auth_asym_id 
_atom_site.auth_atom_id 
_atom_site.pdbx_PDB_model_num 
ATOM   1   O "O5'" . DC  A 1 1  ? -4.559  -11.428 5.755   1.00 40.11  ? 1   DC  A "O5'" 1 
ATOM   2   C "C5'" . DC  A 1 1  ? -5.964  -11.542 6.011   1.00 35.67  ? 1   DC  A "C5'" 1 
ATOM   3   C "C4'" . DC  A 1 1  ? -6.367  -10.686 7.197   1.00 32.78  ? 1   DC  A "C4'" 1 
ATOM   4   O "O4'" . DC  A 1 1  ? -5.503  -10.965 8.310   1.00 33.01  ? 1   DC  A "O4'" 1 
ATOM   5   C "C3'" . DC  A 1 1  ? -6.242  -9.201  6.934   1.00 32.61  ? 1   DC  A "C3'" 1 
ATOM   6   O "O3'" . DC  A 1 1  ? -7.330  -8.762  6.110   1.00 32.11  ? 1   DC  A "O3'" 1 
ATOM   7   C "C2'" . DC  A 1 1  ? -6.262  -8.741  8.382   1.00 28.80  ? 1   DC  A "C2'" 1 
ATOM   8   C "C1'" . DC  A 1 1  ? -5.311  -9.732  9.060   1.00 30.76  ? 1   DC  A "C1'" 1 
ATOM   9   N N1    . DC  A 1 1  ? -3.855  -9.359  9.117   1.00 28.83  ? 1   DC  A N1    1 
ATOM   10  C C2    . DC  A 1 1  ? -3.443  -8.352  9.960   1.00 28.09  ? 1   DC  A C2    1 
ATOM   11  O O2    . DC  A 1 1  ? -4.235  -7.620  10.530  1.00 25.01  ? 1   DC  A O2    1 
ATOM   12  N N3    . DC  A 1 1  ? -2.127  -8.114  10.130  1.00 27.64  ? 1   DC  A N3    1 
ATOM   13  C C4    . DC  A 1 1  ? -1.202  -8.838  9.487   1.00 31.17  ? 1   DC  A C4    1 
ATOM   14  N N4    . DC  A 1 1  ? 0.105   -8.569  9.651   1.00 30.94  ? 1   DC  A N4    1 
ATOM   15  C C5    . DC  A 1 1  ? -1.608  -9.883  8.599   1.00 31.24  ? 1   DC  A C5    1 
ATOM   16  C C6    . DC  A 1 1  ? -2.932  -10.099 8.452   1.00 29.68  ? 1   DC  A C6    1 
ATOM   17  P P     . DC  A 1 2  ? -7.339  -7.319  5.385   1.00 36.98  ? 2   DC  A P     1 
ATOM   18  O OP1   . DC  A 1 2  ? -8.671  -7.203  4.738   1.00 37.42  ? 2   DC  A OP1   1 
ATOM   19  O OP2   . DC  A 1 2  ? -6.120  -7.624  4.597   1.00 36.03  ? 2   DC  A OP2   1 
ATOM   20  O "O5'" . DC  A 1 2  ? -7.132  -5.959  6.244   1.00 35.80  ? 2   DC  A "O5'" 1 
ATOM   21  C "C5'" . DC  A 1 2  ? -8.091  -5.609  7.270   1.00 32.88  ? 2   DC  A "C5'" 1 
ATOM   22  C "C4'" . DC  A 1 2  ? -7.503  -4.679  8.353   1.00 29.95  ? 2   DC  A "C4'" 1 
ATOM   23  O "O4'" . DC  A 1 2  ? -6.450  -5.293  9.118   1.00 26.86  ? 2   DC  A "O4'" 1 
ATOM   24  C "C3'" . DC  A 1 2  ? -6.870  -3.466  7.732   1.00 28.87  ? 2   DC  A "C3'" 1 
ATOM   25  O "O3'" . DC  A 1 2  ? -7.898  -2.540  7.436   1.00 31.47  ? 2   DC  A "O3'" 1 
ATOM   26  C "C2'" . DC  A 1 2  ? -5.981  -3.015  8.845   1.00 24.07  ? 2   DC  A "C2'" 1 
ATOM   27  C "C1'" . DC  A 1 2  ? -5.455  -4.298  9.407   1.00 23.78  ? 2   DC  A "C1'" 1 
ATOM   28  N N1    . DC  A 1 2  ? -4.136  -4.670  8.867   1.00 22.79  ? 2   DC  A N1    1 
ATOM   29  C C2    . DC  A 1 2  ? -3.038  -4.115  9.476   1.00 23.78  ? 2   DC  A C2    1 
ATOM   30  O O2    . DC  A 1 2  ? -3.126  -3.279  10.378  1.00 21.40  ? 2   DC  A O2    1 
ATOM   31  N N3    . DC  A 1 2  ? -1.804  -4.492  9.070   1.00 21.53  ? 2   DC  A N3    1 
ATOM   32  C C4    . DC  A 1 2  ? -1.634  -5.377  8.106   1.00 19.74  ? 2   DC  A C4    1 
ATOM   33  N N4    . DC  A 1 2  ? -0.404  -5.755  7.839   1.00 20.78  ? 2   DC  A N4    1 
ATOM   34  C C5    . DC  A 1 2  ? -2.751  -5.962  7.444   1.00 20.15  ? 2   DC  A C5    1 
ATOM   35  C C6    . DC  A 1 2  ? -3.976  -5.577  7.853   1.00 21.97  ? 2   DC  A C6    1 
ATOM   36  P P     . DI  A 1 3  ? -7.627  -1.227  6.574   1.00 33.66  ? 3   DI  A P     1 
ATOM   37  O OP1   . DI  A 1 3  ? -8.845  -0.396  6.428   1.00 38.98  ? 3   DI  A OP1   1 
ATOM   38  O OP2   . DI  A 1 3  ? -7.162  -2.046  5.427   1.00 35.19  ? 3   DI  A OP2   1 
ATOM   39  O "O5'" . DI  A 1 3  ? -6.392  -0.263  6.987   1.00 34.01  ? 3   DI  A "O5'" 1 
ATOM   40  C "C5'" . DI  A 1 3  ? -6.520  0.642   8.041   1.00 30.04  ? 3   DI  A "C5'" 1 
ATOM   41  C "C4'" . DI  A 1 3  ? -5.196  1.047   8.682   1.00 27.14  ? 3   DI  A "C4'" 1 
ATOM   42  O "O4'" . DI  A 1 3  ? -4.312  -0.040  8.920   1.00 27.58  ? 3   DI  A "O4'" 1 
ATOM   43  C "C3'" . DI  A 1 3  ? -4.388  2.073   7.987   1.00 25.62  ? 3   DI  A "C3'" 1 
ATOM   44  O "O3'" . DI  A 1 3  ? -5.048  3.290   8.244   1.00 26.02  ? 3   DI  A "O3'" 1 
ATOM   45  C "C2'" . DI  A 1 3  ? -3.198  1.976   8.927   1.00 23.93  ? 3   DI  A "C2'" 1 
ATOM   46  C "C1'" . DI  A 1 3  ? -3.054  0.512   9.310   1.00 23.22  ? 3   DI  A "C1'" 1 
ATOM   47  N N9    . DI  A 1 3  ? -2.006  -0.150  8.538   1.00 22.08  ? 3   DI  A N9    1 
ATOM   48  C C8    . DI  A 1 3  ? -2.110  -1.170  7.628   1.00 20.38  ? 3   DI  A C8    1 
ATOM   49  N N7    . DI  A 1 3  ? -0.949  -1.517  7.116   1.00 24.29  ? 3   DI  A N7    1 
ATOM   50  C C5    . DI  A 1 3  ? -0.026  -0.655  7.741   1.00 17.56  ? 3   DI  A C5    1 
ATOM   51  C C6    . DI  A 1 3  ? 1.390   -0.596  7.666   1.00 16.67  ? 3   DI  A C6    1 
ATOM   52  O O6    . DI  A 1 3  ? 2.165   -1.312  7.057   1.00 19.41  ? 3   DI  A O6    1 
ATOM   53  N N1    . DI  A 1 3  ? 1.927   0.341   8.491   1.00 15.56  ? 3   DI  A N1    1 
ATOM   54  C C2    . DI  A 1 3  ? 1.187   1.127   9.312   1.00 18.90  ? 3   DI  A C2    1 
ATOM   55  N N3    . DI  A 1 3  ? -0.146  1.064   9.408   1.00 18.40  ? 3   DI  A N3    1 
ATOM   56  C C4    . DI  A 1 3  ? -0.680  0.165   8.597   1.00 17.48  ? 3   DI  A C4    1 
ATOM   57  P P     . DG  A 1 4  ? -4.721  4.513   7.315   1.00 29.61  ? 4   DG  A P     1 
ATOM   58  O OP1   . DG  A 1 4  ? -5.835  5.379   7.741   1.00 29.19  ? 4   DG  A OP1   1 
ATOM   59  O OP2   . DG  A 1 4  ? -4.569  4.136   5.893   1.00 32.02  ? 4   DG  A OP2   1 
ATOM   60  O "O5'" . DG  A 1 4  ? -3.315  5.111   7.808   1.00 23.71  ? 4   DG  A "O5'" 1 
ATOM   61  C "C5'" . DG  A 1 4  ? -3.143  6.054   8.840   1.00 22.23  ? 4   DG  A "C5'" 1 
ATOM   62  C "C4'" . DG  A 1 4  ? -1.699  6.541   8.920   1.00 23.27  ? 4   DG  A "C4'" 1 
ATOM   63  O "O4'" . DG  A 1 4  ? -0.806  5.470   9.187   1.00 23.82  ? 4   DG  A "O4'" 1 
ATOM   64  C "C3'" . DG  A 1 4  ? -1.196  7.103   7.638   1.00 23.82  ? 4   DG  A "C3'" 1 
ATOM   65  O "O3'" . DG  A 1 4  ? -1.616  8.441   7.495   1.00 25.46  ? 4   DG  A "O3'" 1 
ATOM   66  C "C2'" . DG  A 1 4  ? 0.291   6.998   7.844   1.00 21.81  ? 4   DG  A "C2'" 1 
ATOM   67  C "C1'" . DG  A 1 4  ? 0.454   5.632   8.451   1.00 21.60  ? 4   DG  A "C1'" 1 
ATOM   68  N N9    . DG  A 1 4  ? 0.614   4.455   7.533   1.00 19.26  ? 4   DG  A N9    1 
ATOM   69  C C8    . DG  A 1 4  ? -0.368  3.682   6.936   1.00 16.45  ? 4   DG  A C8    1 
ATOM   70  N N7    . DG  A 1 4  ? 0.088   2.737   6.172   1.00 13.87  ? 4   DG  A N7    1 
ATOM   71  C C5    . DG  A 1 4  ? 1.468   2.888   6.261   1.00 16.51  ? 4   DG  A C5    1 
ATOM   72  C C6    . DG  A 1 4  ? 2.487   2.200   5.562   1.00 16.74  ? 4   DG  A C6    1 
ATOM   73  O O6    . DG  A 1 4  ? 2.402   1.216   4.824   1.00 18.34  ? 4   DG  A O6    1 
ATOM   74  N N1    . DG  A 1 4  ? 3.730   2.718   5.834   1.00 17.32  ? 4   DG  A N1    1 
ATOM   75  C C2    . DG  A 1 4  ? 4.006   3.772   6.694   1.00 18.11  ? 4   DG  A C2    1 
ATOM   76  N N2    . DG  A 1 4  ? 5.290   4.124   6.852   1.00 15.33  ? 4   DG  A N2    1 
ATOM   77  N N3    . DG  A 1 4  ? 3.042   4.429   7.370   1.00 19.05  ? 4   DG  A N3    1 
ATOM   78  C C4    . DG  A 1 4  ? 1.796   3.931   7.093   1.00 17.64  ? 4   DG  A C4    1 
ATOM   79  P P     . DG  A 1 5  ? -1.674  9.011   6.029   1.00 28.33  ? 5   DG  A P     1 
ATOM   80  O OP1   . DG  A 1 5  ? -2.192  10.321  6.500   1.00 31.41  ? 5   DG  A OP1   1 
ATOM   81  O OP2   . DG  A 1 5  ? -2.475  8.111   5.178   1.00 26.78  ? 5   DG  A OP2   1 
ATOM   82  O "O5'" . DG  A 1 5  ? -0.174  9.149   5.532   1.00 25.10  ? 5   DG  A "O5'" 1 
ATOM   83  C "C5'" . DG  A 1 5  ? 0.230   8.835   4.212   1.00 24.89  ? 5   DG  A "C5'" 1 
ATOM   84  C "C4'" . DG  A 1 5  ? 1.744   8.681   4.175   1.00 24.44  ? 5   DG  A "C4'" 1 
ATOM   85  O "O4'" . DG  A 1 5  ? 2.180   7.516   4.856   1.00 23.10  ? 5   DG  A "O4'" 1 
ATOM   86  C "C3'" . DG  A 1 5  ? 2.260   8.532   2.771   1.00 24.43  ? 5   DG  A "C3'" 1 
ATOM   87  O "O3'" . DG  A 1 5  ? 2.543   9.828   2.293   1.00 28.83  ? 5   DG  A "O3'" 1 
ATOM   88  C "C2'" . DG  A 1 5  ? 3.541   7.809   3.021   1.00 21.82  ? 5   DG  A "C2'" 1 
ATOM   89  C "C1'" . DG  A 1 5  ? 3.161   6.828   4.060   1.00 20.39  ? 5   DG  A "C1'" 1 
ATOM   90  N N9    . DG  A 1 5  ? 2.627   5.581   3.463   1.00 17.56  ? 5   DG  A N9    1 
ATOM   91  C C8    . DG  A 1 5  ? 1.342   5.075   3.469   1.00 15.09  ? 5   DG  A C8    1 
ATOM   92  N N7    . DG  A 1 5  ? 1.231   3.905   2.890   1.00 17.47  ? 5   DG  A N7    1 
ATOM   93  C C5    . DG  A 1 5  ? 2.533   3.612   2.465   1.00 17.82  ? 5   DG  A C5    1 
ATOM   94  C C6    . DG  A 1 5  ? 3.051   2.466   1.809   1.00 17.04  ? 5   DG  A C6    1 
ATOM   95  O O6    . DG  A 1 5  ? 2.485   1.447   1.443   1.00 17.25  ? 5   DG  A O6    1 
ATOM   96  N N1    . DG  A 1 5  ? 4.411   2.548   1.604   1.00 17.02  ? 5   DG  A N1    1 
ATOM   97  C C2    . DG  A 1 5  ? 5.206   3.598   1.993   1.00 15.59  ? 5   DG  A C2    1 
ATOM   98  N N2    . DG  A 1 5  ? 6.501   3.497   1.722   1.00 15.97  ? 5   DG  A N2    1 
ATOM   99  N N3    . DG  A 1 5  ? 4.733   4.685   2.621   1.00 15.32  ? 5   DG  A N3    1 
ATOM   100 C C4    . DG  A 1 5  ? 3.391   4.629   2.819   1.00 16.84  ? 5   DG  A C4    1 
ATOM   101 P P     . DC  A 1 6  ? 2.040   10.271  0.875   1.00 26.73  ? 6   DC  A P     1 
ATOM   102 O OP1   . DC  A 1 6  ? 2.147   11.741  0.915   1.00 31.26  ? 6   DC  A OP1   1 
ATOM   103 O OP2   . DC  A 1 6  ? 0.888   9.615   0.254   1.00 25.09  ? 6   DC  A OP2   1 
ATOM   104 O "O5'" . DC  A 1 6  ? 3.350   9.696   0.160   1.00 28.40  ? 6   DC  A "O5'" 1 
ATOM   105 C "C5'" . DC  A 1 6  ? 4.648   10.307  0.224   1.00 27.84  ? 6   DC  A "C5'" 1 
ATOM   106 C "C4'" . DC  A 1 6  ? 5.765   9.539   -0.539  1.00 29.05  ? 6   DC  A "C4'" 1 
ATOM   107 O "O4'" . DC  A 1 6  ? 6.003   8.271   0.120   1.00 25.14  ? 6   DC  A "O4'" 1 
ATOM   108 C "C3'" . DC  A 1 6  ? 5.418   9.202   -2.025  1.00 29.91  ? 6   DC  A "C3'" 1 
ATOM   109 O "O3'" . DC  A 1 6  ? 5.629   10.254  -2.993  1.00 33.97  ? 6   DC  A "O3'" 1 
ATOM   110 C "C2'" . DC  A 1 6  ? 6.302   8.005   -2.239  1.00 25.44  ? 6   DC  A "C2'" 1 
ATOM   111 C "C1'" . DC  A 1 6  ? 6.159   7.237   -0.901  1.00 25.54  ? 6   DC  A "C1'" 1 
ATOM   112 N N1    . DC  A 1 6  ? 5.039   6.234   -0.956  1.00 18.96  ? 6   DC  A N1    1 
ATOM   113 C C2    . DC  A 1 6  ? 5.321   4.977   -1.495  1.00 18.53  ? 6   DC  A C2    1 
ATOM   114 O O2    . DC  A 1 6  ? 6.414   4.699   -1.993  1.00 22.12  ? 6   DC  A O2    1 
ATOM   115 N N3    . DC  A 1 6  ? 4.337   4.053   -1.566  1.00 17.25  ? 6   DC  A N3    1 
ATOM   116 C C4    . DC  A 1 6  ? 3.118   4.345   -1.127  1.00 17.60  ? 6   DC  A C4    1 
ATOM   117 N N4    . DC  A 1 6  ? 2.219   3.372   -1.118  1.00 18.09  ? 6   DC  A N4    1 
ATOM   118 C C5    . DC  A 1 6  ? 2.787   5.640   -0.592  1.00 17.52  ? 6   DC  A C5    1 
ATOM   119 C C6    . DC  A 1 6  ? 3.781   6.545   -0.523  1.00 16.03  ? 6   DC  A C6    1 
ATOM   120 P P     . DC  A 1 7  ? 4.513   10.449  -4.136  1.00 36.25  ? 7   DC  A P     1 
ATOM   121 O OP1   . DC  A 1 7  ? 5.450   11.579  -4.357  1.00 38.47  ? 7   DC  A OP1   1 
ATOM   122 O OP2   . DC  A 1 7  ? 3.051   10.680  -3.987  1.00 34.46  ? 7   DC  A OP2   1 
ATOM   123 O "O5'" . DC  A 1 7  ? 4.696   9.317   -5.262  1.00 32.28  ? 7   DC  A "O5'" 1 
ATOM   124 C "C5'" . DC  A 1 7  ? 5.923   9.076   -5.913  1.00 29.77  ? 7   DC  A "C5'" 1 
ATOM   125 C "C4'" . DC  A 1 7  ? 5.970   7.674   -6.452  1.00 25.66  ? 7   DC  A "C4'" 1 
ATOM   126 O "O4'" . DC  A 1 7  ? 5.693   6.779   -5.389  1.00 26.06  ? 7   DC  A "O4'" 1 
ATOM   127 C "C3'" . DC  A 1 7  ? 4.945   7.365   -7.474  1.00 24.95  ? 7   DC  A "C3'" 1 
ATOM   128 O "O3'" . DC  A 1 7  ? 5.367   7.927   -8.696  1.00 24.63  ? 7   DC  A "O3'" 1 
ATOM   129 C "C2'" . DC  A 1 7  ? 5.084   5.857   -7.444  1.00 25.23  ? 7   DC  A "C2'" 1 
ATOM   130 C "C1'" . DC  A 1 7  ? 5.275   5.524   -5.950  1.00 24.05  ? 7   DC  A "C1'" 1 
ATOM   131 N N1    . DC  A 1 7  ? 4.024   5.022   -5.310  1.00 20.21  ? 7   DC  A N1    1 
ATOM   132 C C2    . DC  A 1 7  ? 3.666   3.689   -5.553  1.00 23.05  ? 7   DC  A C2    1 
ATOM   133 O O2    . DC  A 1 7  ? 4.306   2.913   -6.289  1.00 20.82  ? 7   DC  A O2    1 
ATOM   134 N N3    . DC  A 1 7  ? 2.481   3.286   -5.045  1.00 18.90  ? 7   DC  A N3    1 
ATOM   135 C C4    . DC  A 1 7  ? 1.670   4.098   -4.363  1.00 20.03  ? 7   DC  A C4    1 
ATOM   136 N N4    . DC  A 1 7  ? 0.491   3.597   -3.958  1.00 17.62  ? 7   DC  A N4    1 
ATOM   137 C C5    . DC  A 1 7  ? 2.022   5.458   -4.110  1.00 17.52  ? 7   DC  A C5    1 
ATOM   138 C C6    . DC  A 1 7  ? 3.207   5.869   -4.597  1.00 19.31  ? 7   DC  A C6    1 
HETATM 139 N N1    . 5CM A 1 8  ? 2.003   3.288   -9.207  1.00 22.65  ? 8   5CM A N1    1 
HETATM 140 C C2    . 5CM A 1 8  ? 1.061   2.308   -8.843  1.00 20.98  ? 8   5CM A C2    1 
HETATM 141 N N3    . 5CM A 1 8  ? 0.014   2.665   -8.060  1.00 20.88  ? 8   5CM A N3    1 
HETATM 142 C C4    . 5CM A 1 8  ? -0.118  3.936   -7.636  1.00 20.10  ? 8   5CM A C4    1 
HETATM 143 C C5    . 5CM A 1 8  ? 0.837   4.954   -7.998  1.00 21.16  ? 8   5CM A C5    1 
HETATM 144 C C5A   . 5CM A 1 8  ? 0.688   6.409   -7.526  1.00 22.17  ? 8   5CM A C5A   1 
HETATM 145 C C6    . 5CM A 1 8  ? 1.866   4.594   -8.776  1.00 19.36  ? 8   5CM A C6    1 
HETATM 146 O O2    . 5CM A 1 8  ? 1.149   1.127   -9.189  1.00 22.25  ? 8   5CM A O2    1 
HETATM 147 N N4    . 5CM A 1 8  ? -1.169  4.236   -6.871  1.00 17.77  ? 8   5CM A N4    1 
HETATM 148 C "C1'" . 5CM A 1 8  ? 3.148   2.855   -10.066 1.00 20.21  ? 8   5CM A "C1'" 1 
HETATM 149 C "C2'" . 5CM A 1 8  ? 2.780   2.795   -11.531 1.00 21.07  ? 8   5CM A "C2'" 1 
HETATM 150 C "C3'" . 5CM A 1 8  ? 2.972   4.207   -12.028 1.00 21.41  ? 8   5CM A "C3'" 1 
HETATM 151 C "C4'" . 5CM A 1 8  ? 4.301   4.415   -11.369 1.00 22.10  ? 8   5CM A "C4'" 1 
HETATM 152 O "O4'" . 5CM A 1 8  ? 4.190   3.826   -10.072 1.00 20.15  ? 8   5CM A "O4'" 1 
HETATM 153 O "O3'" . 5CM A 1 8  ? 3.084   4.254   -13.464 1.00 22.74  ? 8   5CM A "O3'" 1 
HETATM 154 C "C5'" . 5CM A 1 8  ? 4.775   5.868   -11.259 1.00 22.46  ? 8   5CM A "C5'" 1 
HETATM 155 O "O5'" . 5CM A 1 8  ? 3.947   6.640   -10.361 1.00 23.18  ? 8   5CM A "O5'" 1 
HETATM 156 P P     . 5CM A 1 8  ? 4.263   8.151   -9.841  1.00 23.39  ? 8   5CM A P     1 
HETATM 157 O OP1   . 5CM A 1 8  ? 4.835   8.871   -10.988 1.00 26.74  ? 8   5CM A OP1   1 
HETATM 158 O OP2   . 5CM A 1 8  ? 3.010   8.621   -9.211  1.00 25.20  ? 8   5CM A OP2   1 
ATOM   159 P P     . DG  A 1 9  ? 1.736   4.446   -14.323 1.00 21.42  ? 9   DG  A P     1 
ATOM   160 O OP1   . DG  A 1 9  ? 2.421   4.646   -15.615 1.00 22.75  ? 9   DG  A OP1   1 
ATOM   161 O OP2   . DG  A 1 9  ? 0.865   5.468   -13.744 1.00 21.15  ? 9   DG  A OP2   1 
ATOM   162 O "O5'" . DG  A 1 9  ? 1.021   3.034   -14.308 1.00 20.76  ? 9   DG  A "O5'" 1 
ATOM   163 C "C5'" . DG  A 1 9  ? 1.635   1.946   -14.974 1.00 18.71  ? 9   DG  A "C5'" 1 
ATOM   164 C "C4'" . DG  A 1 9  ? 0.828   0.695   -14.807 1.00 20.15  ? 9   DG  A "C4'" 1 
ATOM   165 O "O4'" . DG  A 1 9  ? 0.716   0.339   -13.423 1.00 21.02  ? 9   DG  A "O4'" 1 
ATOM   166 C "C3'" . DG  A 1 9  ? -0.588  0.861   -15.307 1.00 22.16  ? 9   DG  A "C3'" 1 
ATOM   167 O "O3'" . DG  A 1 9  ? -0.594  0.684   -16.736 1.00 25.41  ? 9   DG  A "O3'" 1 
ATOM   168 C "C2'" . DG  A 1 9  ? -1.199  -0.302  -14.554 1.00 18.21  ? 9   DG  A "C2'" 1 
ATOM   169 C "C1'" . DG  A 1 9  ? -0.566  -0.252  -13.199 1.00 16.91  ? 9   DG  A "C1'" 1 
ATOM   170 N N9    . DG  A 1 9  ? -1.387  0.631   -12.358 1.00 16.17  ? 9   DG  A N9    1 
ATOM   171 C C8    . DG  A 1 9  ? -1.209  1.934   -11.951 1.00 13.87  ? 9   DG  A C8    1 
ATOM   172 N N7    . DG  A 1 9  ? -2.132  2.383   -11.140 1.00 13.89  ? 9   DG  A N7    1 
ATOM   173 C C5    . DG  A 1 9  ? -2.989  1.282   -11.000 1.00 15.54  ? 9   DG  A C5    1 
ATOM   174 C C6    . DG  A 1 9  ? -4.200  1.171   -10.286 1.00 16.01  ? 9   DG  A C6    1 
ATOM   175 O O6    . DG  A 1 9  ? -4.689  2.031   -9.563  1.00 21.07  ? 9   DG  A O6    1 
ATOM   176 N N1    . DG  A 1 9  ? -4.822  -0.060  -10.469 1.00 13.76  ? 9   DG  A N1    1 
ATOM   177 C C2    . DG  A 1 9  ? -4.329  -1.082  -11.256 1.00 15.69  ? 9   DG  A C2    1 
ATOM   178 N N2    . DG  A 1 9  ? -5.049  -2.195  -11.421 1.00 11.63  ? 9   DG  A N2    1 
ATOM   179 N N3    . DG  A 1 9  ? -3.167  -0.993  -11.920 1.00 16.91  ? 9   DG  A N3    1 
ATOM   180 C C4    . DG  A 1 9  ? -2.552  0.221   -11.746 1.00 16.24  ? 9   DG  A C4    1 
ATOM   181 P P     . DG  A 1 10 ? -1.812  1.222   -17.632 1.00 25.11  ? 10  DG  A P     1 
ATOM   182 O OP1   . DG  A 1 10 ? -1.491  0.709   -18.997 1.00 27.35  ? 10  DG  A OP1   1 
ATOM   183 O OP2   . DG  A 1 10 ? -2.126  2.628   -17.382 1.00 26.08  ? 10  DG  A OP2   1 
ATOM   184 O "O5'" . DG  A 1 10 ? -3.071  0.365   -17.143 1.00 24.19  ? 10  DG  A "O5'" 1 
ATOM   185 C "C5'" . DG  A 1 10 ? -3.197  -1.007  -17.552 1.00 22.24  ? 10  DG  A "C5'" 1 
ATOM   186 C "C4'" . DG  A 1 10 ? -4.534  -1.572  -17.084 1.00 21.43  ? 10  DG  A "C4'" 1 
ATOM   187 O "O4'" . DG  A 1 10 ? -4.577  -1.530  -15.659 1.00 20.62  ? 10  DG  A "O4'" 1 
ATOM   188 C "C3'" . DG  A 1 10 ? -5.724  -0.717  -17.555 1.00 18.86  ? 10  DG  A "C3'" 1 
ATOM   189 O "O3'" . DG  A 1 10 ? -6.159  -1.090  -18.862 1.00 22.23  ? 10  DG  A "O3'" 1 
ATOM   190 C "C2'" . DG  A 1 10 ? -6.734  -1.125  -16.547 1.00 18.14  ? 10  DG  A "C2'" 1 
ATOM   191 C "C1'" . DG  A 1 10 ? -5.934  -1.295  -15.275 1.00 19.88  ? 10  DG  A "C1'" 1 
ATOM   192 N N9    . DG  A 1 10 ? -6.075  -0.169  -14.351 1.00 18.27  ? 10  DG  A N9    1 
ATOM   193 C C8    . DG  A 1 10 ? -5.308  0.964   -14.282 1.00 20.11  ? 10  DG  A C8    1 
ATOM   194 N N7    . DG  A 1 10 ? -5.710  1.823   -13.379 1.00 19.01  ? 10  DG  A N7    1 
ATOM   195 C C5    . DG  A 1 10 ? -6.830  1.207   -12.807 1.00 21.10  ? 10  DG  A C5    1 
ATOM   196 C C6    . DG  A 1 10 ? -7.732  1.694   -11.819 1.00 20.58  ? 10  DG  A C6    1 
ATOM   197 O O6    . DG  A 1 10 ? -7.776  2.818   -11.326 1.00 18.69  ? 10  DG  A O6    1 
ATOM   198 N N1    . DG  A 1 10 ? -8.762  0.785   -11.571 1.00 19.32  ? 10  DG  A N1    1 
ATOM   199 C C2    . DG  A 1 10 ? -8.910  -0.427  -12.201 1.00 19.25  ? 10  DG  A C2    1 
ATOM   200 N N2    . DG  A 1 10 ? -9.951  -1.166  -11.861 1.00 18.14  ? 10  DG  A N2    1 
ATOM   201 N N3    . DG  A 1 10 ? -8.079  -0.882  -13.130 1.00 17.76  ? 10  DG  A N3    1 
ATOM   202 C C4    . DG  A 1 10 ? -7.059  -0.018  -13.394 1.00 20.47  ? 10  DG  A C4    1 
ATOM   203 O "O5'" . DC  B 1 1  ? -13.410 2.036   -4.345  1.00 43.29  ? 11  DC  B "O5'" 1 
ATOM   204 C "C5'" . DC  B 1 1  ? -14.486 1.053   -4.339  1.00 39.22  ? 11  DC  B "C5'" 1 
ATOM   205 C "C4'" . DC  B 1 1  ? -14.433 -0.007  -5.466  1.00 35.32  ? 11  DC  B "C4'" 1 
ATOM   206 O "O4'" . DC  B 1 1  ? -14.540 0.588   -6.792  1.00 36.10  ? 11  DC  B "O4'" 1 
ATOM   207 C "C3'" . DC  B 1 1  ? -13.096 -0.676  -5.457  1.00 33.31  ? 11  DC  B "C3'" 1 
ATOM   208 O "O3'" . DC  B 1 1  ? -13.003 -1.678  -4.435  1.00 34.85  ? 11  DC  B "O3'" 1 
ATOM   209 C "C2'" . DC  B 1 1  ? -13.032 -1.182  -6.848  1.00 34.13  ? 11  DC  B "C2'" 1 
ATOM   210 C "C1'" . DC  B 1 1  ? -13.536 -0.001  -7.653  1.00 34.23  ? 11  DC  B "C1'" 1 
ATOM   211 N N1    . DC  B 1 1  ? -12.476 0.983   -8.070  1.00 31.92  ? 11  DC  B N1    1 
ATOM   212 C C2    . DC  B 1 1  ? -11.579 0.610   -9.086  1.00 30.62  ? 11  DC  B C2    1 
ATOM   213 O O2    . DC  B 1 1  ? -11.569 -0.533  -9.570  1.00 25.66  ? 11  DC  B O2    1 
ATOM   214 N N3    . DC  B 1 1  ? -10.684 1.560   -9.516  1.00 28.28  ? 11  DC  B N3    1 
ATOM   215 C C4    . DC  B 1 1  ? -10.653 2.801   -8.985  1.00 31.18  ? 11  DC  B C4    1 
ATOM   216 N N4    . DC  B 1 1  ? -9.729  3.671   -9.384  1.00 30.15  ? 11  DC  B N4    1 
ATOM   217 C C5    . DC  B 1 1  ? -11.560 3.188   -7.947  1.00 31.73  ? 11  DC  B C5    1 
ATOM   218 C C6    . DC  B 1 1  ? -12.439 2.252   -7.529  1.00 32.43  ? 11  DC  B C6    1 
ATOM   219 P P     . DC  B 1 2  ? -11.638 -2.161  -3.636  1.00 38.58  ? 12  DC  B P     1 
ATOM   220 O OP1   . DC  B 1 2  ? -12.987 -2.743  -3.496  1.00 43.42  ? 12  DC  B OP1   1 
ATOM   221 O OP2   . DC  B 1 2  ? -11.405 -0.701  -3.474  1.00 41.33  ? 12  DC  B OP2   1 
ATOM   222 O "O5'" . DC  B 1 2  ? -10.872 -2.782  -4.946  1.00 38.71  ? 12  DC  B "O5'" 1 
ATOM   223 C "C5'" . DC  B 1 2  ? -11.241 -4.083  -5.440  1.00 30.57  ? 12  DC  B "C5'" 1 
ATOM   224 C "C4'" . DC  B 1 2  ? -10.474 -4.501  -6.662  1.00 25.87  ? 12  DC  B "C4'" 1 
ATOM   225 O "O4'" . DC  B 1 2  ? -10.591 -3.511  -7.669  1.00 24.17  ? 12  DC  B "O4'" 1 
ATOM   226 C "C3'" . DC  B 1 2  ? -9.014  -4.646  -6.344  1.00 28.19  ? 12  DC  B "C3'" 1 
ATOM   227 O "O3'" . DC  B 1 2  ? -8.724  -5.908  -5.718  1.00 28.81  ? 12  DC  B "O3'" 1 
ATOM   228 C "C2'" . DC  B 1 2  ? -8.466  -4.507  -7.748  1.00 26.76  ? 12  DC  B "C2'" 1 
ATOM   229 C "C1'" . DC  B 1 2  ? -9.311  -3.379  -8.320  1.00 23.74  ? 12  DC  B "C1'" 1 
ATOM   230 N N1    . DC  B 1 2  ? -8.701  -2.024  -8.123  1.00 21.11  ? 12  DC  B N1    1 
ATOM   231 C C2    . DC  B 1 2  ? -7.707  -1.608  -8.999  1.00 21.89  ? 12  DC  B C2    1 
ATOM   232 O O2    . DC  B 1 2  ? -7.275  -2.355  -9.869  1.00 20.15  ? 12  DC  B O2    1 
ATOM   233 N N3    . DC  B 1 2  ? -7.180  -0.361  -8.902  1.00 20.76  ? 12  DC  B N3    1 
ATOM   234 C C4    . DC  B 1 2  ? -7.618  0.469   -7.957  1.00 21.57  ? 12  DC  B C4    1 
ATOM   235 N N4    . DC  B 1 2  ? -7.145  1.715   -7.888  1.00 20.05  ? 12  DC  B N4    1 
ATOM   236 C C5    . DC  B 1 2  ? -8.631  0.062   -7.034  1.00 22.47  ? 12  DC  B C5    1 
ATOM   237 C C6    . DC  B 1 2  ? -9.135  -1.180  -7.157  1.00 21.94  ? 12  DC  B C6    1 
ATOM   238 P P     . DI  B 1 3  ? -7.384  -6.124  -4.870  1.00 31.20  ? 13  DI  B P     1 
ATOM   239 O OP1   . DI  B 1 3  ? -7.326  -7.509  -4.350  1.00 35.84  ? 13  DI  B OP1   1 
ATOM   240 O OP2   . DI  B 1 3  ? -7.456  -5.001  -3.904  1.00 32.62  ? 13  DI  B OP2   1 
ATOM   241 O "O5'" . DI  B 1 3  ? -6.093  -5.918  -5.787  1.00 29.50  ? 13  DI  B "O5'" 1 
ATOM   242 C "C5'" . DI  B 1 3  ? -5.798  -6.990  -6.686  1.00 29.66  ? 13  DI  B "C5'" 1 
ATOM   243 C "C4'" . DI  B 1 3  ? -4.658  -6.679  -7.654  1.00 26.88  ? 13  DI  B "C4'" 1 
ATOM   244 O "O4'" . DI  B 1 3  ? -4.888  -5.516  -8.473  1.00 27.39  ? 13  DI  B "O4'" 1 
ATOM   245 C "C3'" . DI  B 1 3  ? -3.383  -6.385  -6.923  1.00 25.73  ? 13  DI  B "C3'" 1 
ATOM   246 O "O3'" . DI  B 1 3  ? -2.875  -7.603  -6.379  1.00 27.48  ? 13  DI  B "O3'" 1 
ATOM   247 C "C2'" . DI  B 1 3  ? -2.636  -5.889  -8.155  1.00 24.70  ? 13  DI  B "C2'" 1 
ATOM   248 C "C1'" . DI  B 1 3  ? -3.633  -4.956  -8.855  1.00 23.01  ? 13  DI  B "C1'" 1 
ATOM   249 N N9    . DI  B 1 3  ? -3.511  -3.580  -8.365  1.00 20.61  ? 13  DI  B N9    1 
ATOM   250 C C8    . DI  B 1 3  ? -4.330  -2.887  -7.525  1.00 19.71  ? 13  DI  B C8    1 
ATOM   251 N N7    . DI  B 1 3  ? -3.908  -1.674  -7.268  1.00 20.52  ? 13  DI  B N7    1 
ATOM   252 C C5    . DI  B 1 3  ? -2.727  -1.559  -7.986  1.00 16.48  ? 13  DI  B C5    1 
ATOM   253 C C6    . DI  B 1 3  ? -1.812  -0.488  -8.075  1.00 14.98  ? 13  DI  B C6    1 
ATOM   254 O O6    . DI  B 1 3  ? -1.884  0.616   -7.561  1.00 17.53  ? 13  DI  B O6    1 
ATOM   255 N N1    . DI  B 1 3  ? -0.741  -0.777  -8.887  1.00 15.13  ? 13  DI  B N1    1 
ATOM   256 C C2    . DI  B 1 3  ? -0.574  -1.969  -9.544  1.00 14.40  ? 13  DI  B C2    1 
ATOM   257 N N3    . DI  B 1 3  ? -1.434  -2.988  -9.470  1.00 15.77  ? 13  DI  B N3    1 
ATOM   258 C C4    . DI  B 1 3  ? -2.483  -2.718  -8.670  1.00 18.53  ? 13  DI  B C4    1 
ATOM   259 P P     . DG  B 1 4  ? -1.816  -7.670  -5.191  1.00 25.49  ? 14  DG  B P     1 
ATOM   260 O OP1   . DG  B 1 4  ? -1.416  -9.037  -4.831  1.00 30.93  ? 14  DG  B OP1   1 
ATOM   261 O OP2   . DG  B 1 4  ? -2.466  -6.807  -4.181  1.00 25.86  ? 14  DG  B OP2   1 
ATOM   262 O "O5'" . DG  B 1 4  ? -0.477  -6.973  -5.733  1.00 23.67  ? 14  DG  B "O5'" 1 
ATOM   263 C "C5'" . DG  B 1 4  ? 0.322   -7.595  -6.709  1.00 21.35  ? 14  DG  B "C5'" 1 
ATOM   264 C "C4'" . DG  B 1 4  ? 1.361   -6.600  -7.174  1.00 19.56  ? 14  DG  B "C4'" 1 
ATOM   265 O "O4'" . DG  B 1 4  ? 0.807   -5.420  -7.810  1.00 21.30  ? 14  DG  B "O4'" 1 
ATOM   266 C "C3'" . DG  B 1 4  ? 2.247   -6.083  -6.039  1.00 22.78  ? 14  DG  B "C3'" 1 
ATOM   267 O "O3'" . DG  B 1 4  ? 3.234   -7.078  -5.727  1.00 25.01  ? 14  DG  B "O3'" 1 
ATOM   268 C "C2'" . DG  B 1 4  ? 2.844   -4.867  -6.730  1.00 19.33  ? 14  DG  B "C2'" 1 
ATOM   269 C "C1'" . DG  B 1 4  ? 1.669   -4.280  -7.527  1.00 20.68  ? 14  DG  B "C1'" 1 
ATOM   270 N N9    . DG  B 1 4  ? 0.981   -3.245  -6.708  1.00 17.76  ? 14  DG  B N9    1 
ATOM   271 C C8    . DG  B 1 4  ? -0.142  -3.338  -5.915  1.00 15.19  ? 14  DG  B C8    1 
ATOM   272 N N7    . DG  B 1 4  ? -0.450  -2.227  -5.310  1.00 17.32  ? 14  DG  B N7    1 
ATOM   273 C C5    . DG  B 1 4  ? 0.534   -1.320  -5.720  1.00 17.57  ? 14  DG  B C5    1 
ATOM   274 C C6    . DG  B 1 4  ? 0.776   0.035   -5.324  1.00 18.85  ? 14  DG  B C6    1 
ATOM   275 O O6    . DG  B 1 4  ? 0.126   0.781   -4.596  1.00 20.45  ? 14  DG  B O6    1 
ATOM   276 N N1    . DG  B 1 4  ? 1.933   0.542   -5.888  1.00 17.47  ? 14  DG  B N1    1 
ATOM   277 C C2    . DG  B 1 4  ? 2.774   -0.158  -6.732  1.00 19.03  ? 14  DG  B C2    1 
ATOM   278 N N2    . DG  B 1 4  ? 3.898   0.453   -7.095  1.00 16.85  ? 14  DG  B N2    1 
ATOM   279 N N3    . DG  B 1 4  ? 2.551   -1.427  -7.120  1.00 18.23  ? 14  DG  B N3    1 
ATOM   280 C C4    . DG  B 1 4  ? 1.416   -1.939  -6.575  1.00 19.42  ? 14  DG  B C4    1 
ATOM   281 P P     . DG  B 1 5  ? 4.197   -7.067  -4.455  1.00 30.91  ? 15  DG  B P     1 
ATOM   282 O OP1   . DG  B 1 5  ? 4.963   -8.331  -4.334  1.00 36.17  ? 15  DG  B OP1   1 
ATOM   283 O OP2   . DG  B 1 5  ? 3.293   -6.643  -3.376  1.00 31.01  ? 15  DG  B OP2   1 
ATOM   284 O "O5'" . DG  B 1 5  ? 5.230   -5.902  -4.651  1.00 31.79  ? 15  DG  B "O5'" 1 
ATOM   285 C "C5'" . DG  B 1 5  ? 6.339   -6.068  -5.509  1.00 32.12  ? 15  DG  B "C5'" 1 
ATOM   286 C "C4'" . DG  B 1 5  ? 7.156   -4.799  -5.533  1.00 32.44  ? 15  DG  B "C4'" 1 
ATOM   287 O "O4'" . DG  B 1 5  ? 6.341   -3.713  -5.970  1.00 33.54  ? 15  DG  B "O4'" 1 
ATOM   288 C "C3'" . DG  B 1 5  ? 7.678   -4.397  -4.178  1.00 33.59  ? 15  DG  B "C3'" 1 
ATOM   289 O "O3'" . DG  B 1 5  ? 8.813   -5.195  -3.824  1.00 34.65  ? 15  DG  B "O3'" 1 
ATOM   290 C "C2'" . DG  B 1 5  ? 8.022   -2.954  -4.502  1.00 31.35  ? 15  DG  B "C2'" 1 
ATOM   291 C "C1'" . DG  B 1 5  ? 6.810   -2.496  -5.317  1.00 30.97  ? 15  DG  B "C1'" 1 
ATOM   292 N N9    . DG  B 1 5  ? 5.703   -1.920  -4.507  1.00 24.88  ? 15  DG  B N9    1 
ATOM   293 C C8    . DG  B 1 5  ? 4.544   -2.546  -4.127  1.00 21.76  ? 15  DG  B C8    1 
ATOM   294 N N7    . DG  B 1 5  ? 3.711   -1.801  -3.472  1.00 20.14  ? 15  DG  B N7    1 
ATOM   295 C C5    . DG  B 1 5  ? 4.371   -0.575  -3.424  1.00 20.96  ? 15  DG  B C5    1 
ATOM   296 C C6    . DG  B 1 5  ? 3.944   0.621   -2.833  1.00 22.63  ? 15  DG  B C6    1 
ATOM   297 O O6    . DG  B 1 5  ? 2.829   0.825   -2.326  1.00 20.20  ? 15  DG  B O6    1 
ATOM   298 N N1    . DG  B 1 5  ? 4.908   1.616   -2.942  1.00 18.73  ? 15  DG  B N1    1 
ATOM   299 C C2    . DG  B 1 5  ? 6.120   1.461   -3.561  1.00 20.66  ? 15  DG  B C2    1 
ATOM   300 N N2    . DG  B 1 5  ? 6.964   2.490   -3.577  1.00 18.71  ? 15  DG  B N2    1 
ATOM   301 N N3    . DG  B 1 5  ? 6.502   0.328   -4.138  1.00 20.59  ? 15  DG  B N3    1 
ATOM   302 C C4    . DG  B 1 5  ? 5.590   -0.640  -4.035  1.00 20.73  ? 15  DG  B C4    1 
ATOM   303 P P     . DC  B 1 6  ? 9.027   -5.592  -2.294  1.00 37.37  ? 16  DC  B P     1 
ATOM   304 O OP1   . DC  B 1 6  ? 10.223  -6.393  -2.695  1.00 44.21  ? 16  DC  B OP1   1 
ATOM   305 O OP2   . DC  B 1 6  ? 7.880   -6.207  -1.609  1.00 35.33  ? 16  DC  B OP2   1 
ATOM   306 O "O5'" . DC  B 1 6  ? 9.485   -4.285  -1.464  1.00 34.19  ? 16  DC  B "O5'" 1 
ATOM   307 C "C5'" . DC  B 1 6  ? 10.731  -3.574  -1.691  1.00 32.18  ? 16  DC  B "C5'" 1 
ATOM   308 C "C4'" . DC  B 1 6  ? 10.663  -2.175  -1.086  1.00 28.38  ? 16  DC  B "C4'" 1 
ATOM   309 O "O4'" . DC  B 1 6  ? 9.552   -1.505  -1.666  1.00 26.30  ? 16  DC  B "O4'" 1 
ATOM   310 C "C3'" . DC  B 1 6  ? 10.338  -2.180  0.388   1.00 26.19  ? 16  DC  B "C3'" 1 
ATOM   311 O "O3'" . DC  B 1 6  ? 11.524  -2.376  1.137   1.00 27.19  ? 16  DC  B "O3'" 1 
ATOM   312 C "C2'" . DC  B 1 6  ? 9.854   -0.771  0.514   1.00 24.98  ? 16  DC  B "C2'" 1 
ATOM   313 C "C1'" . DC  B 1 6  ? 9.027   -0.567  -0.736  1.00 26.21  ? 16  DC  B "C1'" 1 
ATOM   314 N N1    . DC  B 1 6  ? 7.563   -0.736  -0.490  1.00 25.15  ? 16  DC  B N1    1 
ATOM   315 C C2    . DC  B 1 6  ? 6.905   0.358   0.052   1.00 23.40  ? 16  DC  B C2    1 
ATOM   316 O O2    . DC  B 1 6  ? 7.491   1.399   0.382   1.00 25.04  ? 16  DC  B O2    1 
ATOM   317 N N3    . DC  B 1 6  ? 5.589   0.227   0.334   1.00 23.38  ? 16  DC  B N3    1 
ATOM   318 C C4    . DC  B 1 6  ? 4.925   -0.894  0.127   1.00 21.60  ? 16  DC  B C4    1 
ATOM   319 N N4    . DC  B 1 6  ? 3.636   -0.888  0.485   1.00 21.48  ? 16  DC  B N4    1 
ATOM   320 C C5    . DC  B 1 6  ? 5.582   -2.036  -0.422  1.00 23.12  ? 16  DC  B C5    1 
ATOM   321 C C6    . DC  B 1 6  ? 6.892   -1.916  -0.720  1.00 23.31  ? 16  DC  B C6    1 
ATOM   322 P P     . DC  B 1 7  ? 11.342  -2.955  2.598   1.00 28.56  ? 17  DC  B P     1 
ATOM   323 O OP1   . DC  B 1 7  ? 12.745  -3.331  2.835   1.00 31.46  ? 17  DC  B OP1   1 
ATOM   324 O OP2   . DC  B 1 7  ? 10.263  -3.908  2.918   1.00 29.32  ? 17  DC  B OP2   1 
ATOM   325 O "O5'" . DC  B 1 7  ? 11.100  -1.615  3.434   1.00 27.07  ? 17  DC  B "O5'" 1 
ATOM   326 C "C5'" . DC  B 1 7  ? 12.149  -0.649  3.631   1.00 24.16  ? 17  DC  B "C5'" 1 
ATOM   327 C "C4'" . DC  B 1 7  ? 11.638  0.619   4.284   1.00 24.42  ? 17  DC  B "C4'" 1 
ATOM   328 O "O4'" . DC  B 1 7  ? 10.572  1.169   3.511   1.00 23.61  ? 17  DC  B "O4'" 1 
ATOM   329 C "C3'" . DC  B 1 7  ? 11.032  0.366   5.665   1.00 24.27  ? 17  DC  B "C3'" 1 
ATOM   330 O "O3'" . DC  B 1 7  ? 12.036  0.274   6.681   1.00 25.59  ? 17  DC  B "O3'" 1 
ATOM   331 C "C2'" . DC  B 1 7  ? 10.227  1.639   5.762   1.00 22.99  ? 17  DC  B "C2'" 1 
ATOM   332 C "C1'" . DC  B 1 7  ? 9.595   1.767   4.385   1.00 21.21  ? 17  DC  B "C1'" 1 
ATOM   333 N N1    . DC  B 1 7  ? 8.248   1.131   4.248   1.00 18.76  ? 17  DC  B N1    1 
ATOM   334 C C2    . DC  B 1 7  ? 7.141   1.816   4.724   1.00 15.89  ? 17  DC  B C2    1 
ATOM   335 O O2    . DC  B 1 7  ? 7.217   2.911   5.272   1.00 20.38  ? 17  DC  B O2    1 
ATOM   336 N N3    . DC  B 1 7  ? 5.907   1.280   4.577   1.00 16.72  ? 17  DC  B N3    1 
ATOM   337 C C4    . DC  B 1 7  ? 5.730   0.091   3.973   1.00 16.47  ? 17  DC  B C4    1 
ATOM   338 N N4    . DC  B 1 7  ? 4.478   -0.398  3.848   1.00 14.32  ? 17  DC  B N4    1 
ATOM   339 C C5    . DC  B 1 7  ? 6.867   -0.646  3.466   1.00 17.43  ? 17  DC  B C5    1 
ATOM   340 C C6    . DC  B 1 7  ? 8.093   -0.083  3.628   1.00 18.50  ? 17  DC  B C6    1 
HETATM 341 N N1    . 5CM B 1 8  ? 6.679   0.083   8.139   1.00 23.15  ? 18  5CM B N1    1 
HETATM 342 C C2    . 5CM B 1 8  ? 5.307   -0.067  8.002   1.00 21.52  ? 18  5CM B C2    1 
HETATM 343 N N3    . 5CM B 1 8  ? 4.833   -1.124  7.291   1.00 17.96  ? 18  5CM B N3    1 
HETATM 344 C C4    . 5CM B 1 8  ? 5.683   -2.014  6.731   1.00 20.79  ? 18  5CM B C4    1 
HETATM 345 C C5    . 5CM B 1 8  ? 7.127   -1.846  6.864   1.00 21.90  ? 18  5CM B C5    1 
HETATM 346 C C5A   . 5CM B 1 8  ? 8.164   -2.787  6.279   1.00 23.37  ? 18  5CM B C5A   1 
HETATM 347 C C6    . 5CM B 1 8  ? 7.558   -0.799  7.560   1.00 21.98  ? 18  5CM B C6    1 
HETATM 348 O O2    . 5CM B 1 8  ? 4.532   0.733   8.522   1.00 23.48  ? 18  5CM B O2    1 
HETATM 349 N N4    . 5CM B 1 8  ? 5.162   -3.074  6.109   1.00 19.41  ? 18  5CM B N4    1 
HETATM 350 C "C1'" . 5CM B 1 8  ? 7.178   1.158   9.016   1.00 23.97  ? 18  5CM B "C1'" 1 
HETATM 351 C "C2'" . 5CM B 1 8  ? 7.217   0.672   10.454  1.00 27.05  ? 18  5CM B "C2'" 1 
HETATM 352 C "C3'" . 5CM B 1 8  ? 8.681   0.343   10.730  1.00 29.06  ? 18  5CM B "C3'" 1 
HETATM 353 C "C4'" . 5CM B 1 8  ? 9.381   1.363   9.854   1.00 28.41  ? 18  5CM B "C4'" 1 
HETATM 354 O "O4'" . 5CM B 1 8  ? 8.545   1.500   8.690   1.00 25.70  ? 18  5CM B "O4'" 1 
HETATM 355 O "O3'" . 5CM B 1 8  ? 9.054   0.492   12.120  1.00 33.40  ? 18  5CM B "O3'" 1 
HETATM 356 C "C5'" . 5CM B 1 8  ? 10.775  0.925   9.427   1.00 26.15  ? 18  5CM B "C5'" 1 
HETATM 357 O "O5'" . 5CM B 1 8  ? 10.683  -0.256  8.612   1.00 28.02  ? 18  5CM B "O5'" 1 
HETATM 358 P P     . 5CM B 1 8  ? 11.937  -0.872  7.792   1.00 27.42  ? 18  5CM B P     1 
HETATM 359 O OP1   . 5CM B 1 8  ? 13.195  -0.521  8.500   1.00 28.77  ? 18  5CM B OP1   1 
HETATM 360 O OP2   . 5CM B 1 8  ? 11.616  -2.259  7.381   1.00 27.55  ? 18  5CM B OP2   1 
ATOM   361 P P     . DG  B 1 9  ? 8.507   -0.601  13.192  1.00 31.36  ? 19  DG  B P     1 
ATOM   362 O OP1   . DG  B 1 9  ? 9.320   -0.343  14.393  1.00 32.59  ? 19  DG  B OP1   1 
ATOM   363 O OP2   . DG  B 1 9  ? 8.472   -1.918  12.521  1.00 29.45  ? 19  DG  B OP2   1 
ATOM   364 O "O5'" . DG  B 1 9  ? 6.976   -0.285  13.521  1.00 28.52  ? 19  DG  B "O5'" 1 
ATOM   365 C "C5'" . DG  B 1 9  ? 6.521   0.822   14.264  1.00 23.84  ? 19  DG  B "C5'" 1 
ATOM   366 C "C4'" . DG  B 1 9  ? 5.014   0.863   14.172  1.00 20.61  ? 19  DG  B "C4'" 1 
ATOM   367 O "O4'" . DG  B 1 9  ? 4.654   0.726   12.787  1.00 20.11  ? 19  DG  B "O4'" 1 
ATOM   368 C "C3'" . DG  B 1 9  ? 4.326   -0.254  14.864  1.00 20.56  ? 19  DG  B "C3'" 1 
ATOM   369 O "O3'" . DG  B 1 9  ? 4.152   0.107   16.230  1.00 22.15  ? 19  DG  B "O3'" 1 
ATOM   370 C "C2'" . DG  B 1 9  ? 3.019   -0.169  14.130  1.00 18.46  ? 19  DG  B "C2'" 1 
ATOM   371 C "C1'" . DG  B 1 9  ? 3.342   0.167   12.726  1.00 17.04  ? 19  DG  B "C1'" 1 
ATOM   372 N N9    . DG  B 1 9  ? 3.327   -1.022  11.881  1.00 18.09  ? 19  DG  B N9    1 
ATOM   373 C C8    . DG  B 1 9  ? 4.377   -1.737  11.318  1.00 16.51  ? 19  DG  B C8    1 
ATOM   374 N N7    . DG  B 1 9  ? 3.995   -2.703  10.530  1.00 18.72  ? 19  DG  B N7    1 
ATOM   375 C C5    . DG  B 1 9  ? 2.578   -2.606  10.584  1.00 17.44  ? 19  DG  B C5    1 
ATOM   376 C C6    . DG  B 1 9  ? 1.565   -3.379  9.952   1.00 18.81  ? 19  DG  B C6    1 
ATOM   377 O O6    . DG  B 1 9  ? 1.677   -4.276  9.119   1.00 21.27  ? 19  DG  B O6    1 
ATOM   378 N N1    . DG  B 1 9  ? 0.291   -2.972  10.331  1.00 16.88  ? 19  DG  B N1    1 
ATOM   379 C C2    . DG  B 1 9  ? -0.007  -1.947  11.188  1.00 16.44  ? 19  DG  B C2    1 
ATOM   380 N N2    . DG  B 1 9  ? -1.292  -1.728  11.503  1.00 16.30  ? 19  DG  B N2    1 
ATOM   381 N N3    . DG  B 1 9  ? 0.933   -1.206  11.755  1.00 16.50  ? 19  DG  B N3    1 
ATOM   382 C C4    . DG  B 1 9  ? 2.185   -1.592  11.415  1.00 16.54  ? 19  DG  B C4    1 
ATOM   383 P P     . DG  B 1 10 ? 3.745   -1.067  17.257  1.00 23.73  ? 20  DG  B P     1 
ATOM   384 O OP1   . DG  B 1 10 ? 3.851   -0.356  18.555  1.00 24.84  ? 20  DG  B OP1   1 
ATOM   385 O OP2   . DG  B 1 10 ? 4.425   -2.353  17.003  1.00 21.90  ? 20  DG  B OP2   1 
ATOM   386 O "O5'" . DG  B 1 10 ? 2.203   -1.212  16.970  1.00 22.17  ? 20  DG  B "O5'" 1 
ATOM   387 C "C5'" . DG  B 1 10 ? 1.241   -0.206  17.326  1.00 22.18  ? 20  DG  B "C5'" 1 
ATOM   388 C "C4'" . DG  B 1 10 ? -0.171  -0.770  17.078  1.00 27.47  ? 20  DG  B "C4'" 1 
ATOM   389 O "O4'" . DG  B 1 10 ? -0.330  -1.094  15.689  1.00 26.31  ? 20  DG  B "O4'" 1 
ATOM   390 C "C3'" . DG  B 1 10 ? -0.435  -2.075  17.863  1.00 29.10  ? 20  DG  B "C3'" 1 
ATOM   391 O "O3'" . DG  B 1 10 ? -0.975  -1.789  19.164  1.00 36.16  ? 20  DG  B "O3'" 1 
ATOM   392 C "C2'" . DG  B 1 10 ? -1.494  -2.677  16.997  1.00 30.90  ? 20  DG  B "C2'" 1 
ATOM   393 C "C1'" . DG  B 1 10 ? -1.109  -2.287  15.574  1.00 24.19  ? 20  DG  B "C1'" 1 
ATOM   394 N N9    . DG  B 1 10 ? -0.361  -3.325  14.834  1.00 22.47  ? 20  DG  B N9    1 
ATOM   395 C C8    . DG  B 1 10 ? 0.979   -3.520  14.747  1.00 18.04  ? 20  DG  B C8    1 
ATOM   396 N N7    . DG  B 1 10 ? 1.298   -4.417  13.852  1.00 22.21  ? 20  DG  B N7    1 
ATOM   397 C C5    . DG  B 1 10 ? 0.101   -4.842  13.318  1.00 19.09  ? 20  DG  B C5    1 
ATOM   398 C C6    . DG  B 1 10 ? -0.160  -5.828  12.333  1.00 21.38  ? 20  DG  B C6    1 
ATOM   399 O O6    . DG  B 1 10 ? 0.644   -6.480  11.654  1.00 22.42  ? 20  DG  B O6    1 
ATOM   400 N N1    . DG  B 1 10 ? -1.532  -5.992  12.172  1.00 21.46  ? 20  DG  B N1    1 
ATOM   401 C C2    . DG  B 1 10 ? -2.519  -5.288  12.865  1.00 21.92  ? 20  DG  B C2    1 
ATOM   402 N N2    . DG  B 1 10 ? -3.821  -5.582  12.662  1.00 24.60  ? 20  DG  B N2    1 
ATOM   403 N N3    . DG  B 1 10 ? -2.233  -4.358  13.764  1.00 20.00  ? 20  DG  B N3    1 
ATOM   404 C C4    . DG  B 1 10 ? -0.918  -4.188  13.935  1.00 18.34  ? 20  DG  B C4    1 
HETATM 405 O O     . HOH C 2 .  ? -4.243  -0.028  -20.454 1.00 40.89  ? 21  HOH A O     1 
HETATM 406 O O     . HOH C 2 .  ? -2.272  5.343   4.328   1.00 40.95  ? 23  HOH A O     1 
HETATM 407 O O     . HOH C 2 .  ? -3.250  -3.662  -13.167 1.00 38.93  ? 24  HOH A O     1 
HETATM 408 O O     . HOH C 2 .  ? -2.366  4.855   -10.395 1.00 36.66  ? 25  HOH A O     1 
HETATM 409 O O     . HOH C 2 .  ? 0.547   -0.893  -18.995 1.00 50.32  ? 27  HOH A O     1 
HETATM 410 O O     . HOH C 2 .  ? 3.982   12.326  -8.578  1.00 79.48  ? 28  HOH A O     1 
HETATM 411 O O     . HOH C 2 .  ? 2.870   13.433  -1.646  1.00 57.93  ? 32  HOH A O     1 
HETATM 412 O O     . HOH C 2 .  ? -4.301  -2.431  5.447   1.00 55.23  ? 35  HOH A O     1 
HETATM 413 O O     . HOH C 2 .  ? 0.179   8.020   -10.753 1.00 54.50  ? 36  HOH A O     1 
HETATM 414 O O     . HOH C 2 .  ? -3.835  2.727   -6.934  1.00 61.58  ? 37  HOH A O     1 
HETATM 415 O O     . HOH C 2 .  ? -2.584  4.529   -14.798 1.00 60.19  ? 38  HOH A O     1 
HETATM 416 O O     . HOH C 2 .  ? -0.659  5.843   -16.561 1.00 68.50  ? 39  HOH A O     1 
HETATM 417 O O     . HOH C 2 .  ? -11.814 0.081   6.997   1.00 65.90  ? 40  HOH A O     1 
HETATM 418 O O     . HOH C 2 .  ? -6.122  2.072   4.375   1.00 68.35  ? 41  HOH A O     1 
HETATM 419 O O     . HOH C 2 .  ? -1.974  11.774  3.562   1.00 85.46  ? 44  HOH A O     1 
HETATM 420 O O     . HOH C 2 .  ? -0.531  -3.829  5.082   1.00 44.47  ? 46  HOH A O     1 
HETATM 421 O O     . HOH C 2 .  ? -3.320  9.433   2.684   1.00 74.58  ? 49  HOH A O     1 
HETATM 422 O O     . HOH C 2 .  ? -1.102  6.533   -4.837  1.00 78.29  ? 50  HOH A O     1 
HETATM 423 O O     . HOH C 2 .  ? -9.679  1.873   7.661   1.00 54.60  ? 51  HOH A O     1 
HETATM 424 O O     . HOH C 2 .  ? 5.420   3.219   -14.989 1.00 93.89  ? 53  HOH A O     1 
HETATM 425 O O     . HOH C 2 .  ? 1.132   9.288   -5.679  1.00 48.40  ? 54  HOH A O     1 
HETATM 426 O O     . HOH C 2 .  ? -0.402  3.740   -0.192  1.00 49.83  ? 56  HOH A O     1 
HETATM 427 O O     . HOH C 2 .  ? 8.774   4.964   -0.112  1.00 37.50  ? 57  HOH A O     1 
HETATM 428 O O     . HOH C 2 .  ? -3.964  11.377  8.604   1.00 47.98  ? 59  HOH A O     1 
HETATM 429 O O     . HOH C 2 .  ? -11.310 -2.511  6.078   1.00 67.47  ? 60  HOH A O     1 
HETATM 430 O O     . HOH C 2 .  ? -4.908  4.722   -12.582 1.00 62.89  ? 62  HOH A O     1 
HETATM 431 O O     . HOH C 2 .  ? 2.057   -9.712  7.097   1.00 91.23  ? 64  HOH A O     1 
HETATM 432 O O     . HOH C 2 .  ? -8.361  4.715   6.057   1.00 74.64  ? 67  HOH A O     1 
HETATM 433 O O     . HOH C 2 .  ? 1.078   -1.804  4.282   1.00 50.96  ? 70  HOH A O     1 
HETATM 434 O O     . HOH C 2 .  ? -3.166  -9.151  4.854   1.00 85.10  ? 71  HOH A O     1 
HETATM 435 O O     . HOH C 2 .  ? 1.455   8.855   -2.926  1.00 52.13  ? 73  HOH A O     1 
HETATM 436 O O     . HOH C 2 .  ? -1.240  5.511   -2.306  1.00 58.91  ? 74  HOH A O     1 
HETATM 437 O O     . HOH C 2 .  ? -4.459  -1.294  12.338  1.00 50.83  ? 78  HOH A O     1 
HETATM 438 O O     . HOH C 2 .  ? 7.409   8.584   2.603   1.00 57.79  ? 81  HOH A O     1 
HETATM 439 O O     . HOH C 2 .  ? 0.176   -7.927  5.126   1.00 61.62  ? 82  HOH A O     1 
HETATM 440 O O     . HOH C 2 .  ? 1.935   -6.306  3.602   1.00 85.11  ? 84  HOH A O     1 
HETATM 441 O O     . HOH C 2 .  ? -0.910  6.244   0.747   1.00 54.87  ? 85  HOH A O     1 
HETATM 442 O O     . HOH C 2 .  ? -3.454  -6.304  4.257   1.00 85.10  ? 88  HOH A O     1 
HETATM 443 O O     . HOH C 2 .  ? 0.278   0.230   2.727   1.00 55.12  ? 90  HOH A O     1 
HETATM 444 O O     . HOH C 2 .  ? -1.740  1.527   4.436   1.00 50.19  ? 93  HOH A O     1 
HETATM 445 O O     . HOH C 2 .  ? 1.459   3.398   -18.586 1.00 53.64  ? 95  HOH A O     1 
HETATM 446 O O     . HOH C 2 .  ? -3.877  -0.067  4.099   1.00 65.55  ? 97  HOH A O     1 
HETATM 447 O O     . HOH C 2 .  ? -3.796  13.523  6.776   1.00 78.10  ? 101 HOH A O     1 
HETATM 448 O O     . HOH C 2 .  ? -9.642  -0.622  3.711   1.00 91.76  ? 102 HOH A O     1 
HETATM 449 O O     . HOH C 2 .  ? -9.807  -4.495  4.656   1.00 78.00  ? 103 HOH A O     1 
HETATM 450 O O     . HOH C 2 .  ? -2.500  8.613   -9.867  1.00 77.86  ? 104 HOH A O     1 
HETATM 451 O O     . HOH C 2 .  ? -1.649  -11.665 4.765   1.00 108.12 ? 109 HOH A O     1 
HETATM 452 O O     . HOH C 2 .  ? 0.163   3.487   10.238  1.00 94.40  ? 113 HOH A O     1 
HETATM 453 O O     . HOH C 2 .  ? -11.571 -8.925  5.810   1.00 87.26  ? 115 HOH A O     1 
HETATM 454 O O     . HOH C 2 .  ? -1.315  2.847   2.120   1.00 73.05  ? 117 HOH A O     1 
HETATM 455 O O     . HOH C 2 .  ? -4.893  -14.058 4.457   1.00 82.30  ? 118 HOH A O     1 
HETATM 456 O O     . HOH C 2 .  ? 3.481   13.304  -5.548  1.00 92.55  ? 119 HOH A O     1 
HETATM 457 O O     . HOH C 2 .  ? -8.469  4.186   9.180   1.00 103.90 ? 122 HOH A O     1 
HETATM 458 O O     . HOH C 2 .  ? -11.224 -6.177  6.206   1.00 88.83  ? 123 HOH A O     1 
HETATM 459 O O     . HOH D 2 .  ? 0.272   0.317   -1.171  1.00 43.89  ? 22  HOH B O     1 
HETATM 460 O O     . HOH D 2 .  ? 4.310   -3.295  3.195   1.00 37.96  ? 26  HOH B O     1 
HETATM 461 O O     . HOH D 2 .  ? 10.748  -8.886  -4.175  1.00 62.09  ? 29  HOH B O     1 
HETATM 462 O O     . HOH D 2 .  ? 0.999   -10.125 -3.982  1.00 48.63  ? 30  HOH B O     1 
HETATM 463 O O     . HOH D 2 .  ? 5.193   -4.866  9.095   1.00 56.60  ? 31  HOH B O     1 
HETATM 464 O O     . HOH D 2 .  ? 2.300   -0.807  20.853  1.00 52.98  ? 33  HOH B O     1 
HETATM 465 O O     . HOH D 2 .  ? 10.329  2.922   0.670   1.00 54.51  ? 34  HOH B O     1 
HETATM 466 O O     . HOH D 2 .  ? 7.064   -2.831  17.997  1.00 49.12  ? 42  HOH B O     1 
HETATM 467 O O     . HOH D 2 .  ? -8.159  0.388   -3.767  1.00 60.54  ? 43  HOH B O     1 
HETATM 468 O O     . HOH D 2 .  ? 7.489   -3.797  2.514   1.00 38.86  ? 45  HOH B O     1 
HETATM 469 O O     . HOH D 2 .  ? -8.254  3.410   -5.837  1.00 45.56  ? 47  HOH B O     1 
HETATM 470 O O     . HOH D 2 .  ? 15.346  -3.692  8.185   1.00 88.19  ? 48  HOH B O     1 
HETATM 471 O O     . HOH D 2 .  ? -10.638 2.464   -4.436  1.00 71.30  ? 52  HOH B O     1 
HETATM 472 O O     . HOH D 2 .  ? 0.195   -6.386  -2.434  1.00 68.74  ? 55  HOH B O     1 
HETATM 473 O O     . HOH D 2 .  ? 9.904   -6.521  3.541   1.00 63.99  ? 58  HOH B O     1 
HETATM 474 O O     . HOH D 2 .  ? 8.273   -0.275  17.408  1.00 59.83  ? 61  HOH B O     1 
HETATM 475 O O     . HOH D 2 .  ? -17.353 -0.369  -2.669  1.00 65.76  ? 63  HOH B O     1 
HETATM 476 O O     . HOH D 2 .  ? -15.471 4.721   -3.704  1.00 119.92 ? 65  HOH B O     1 
HETATM 477 O O     . HOH D 2 .  ? -5.188  -6.154  -1.776  1.00 77.95  ? 66  HOH B O     1 
HETATM 478 O O     . HOH D 2 .  ? 2.416   -4.006  5.322   1.00 51.85  ? 68  HOH B O     1 
HETATM 479 O O     . HOH D 2 .  ? -6.769  -1.869  -4.402  1.00 50.79  ? 69  HOH B O     1 
HETATM 480 O O     . HOH D 2 .  ? -11.639 5.966   -10.068 1.00 93.20  ? 72  HOH B O     1 
HETATM 481 O O     . HOH D 2 .  ? -9.817  6.545   -7.772  1.00 65.75  ? 75  HOH B O     1 
HETATM 482 O O     . HOH D 2 .  ? 7.420   5.370   3.814   1.00 59.66  ? 76  HOH B O     1 
HETATM 483 O O     . HOH D 2 .  ? 7.464   -3.107  10.241  1.00 76.05  ? 77  HOH B O     1 
HETATM 484 O O     . HOH D 2 .  ? 6.466   2.112   17.528  1.00 66.83  ? 79  HOH B O     1 
HETATM 485 O O     . HOH D 2 .  ? -13.483 -5.287  -2.804  1.00 65.86  ? 80  HOH B O     1 
HETATM 486 O O     . HOH D 2 .  ? 10.105  -3.635  9.300   1.00 89.08  ? 83  HOH B O     1 
HETATM 487 O O     . HOH D 2 .  ? -3.195  -1.029  -4.177  1.00 72.66  ? 86  HOH B O     1 
HETATM 488 O O     . HOH D 2 .  ? 8.514   -9.517  -2.790  1.00 102.04 ? 87  HOH B O     1 
HETATM 489 O O     . HOH D 2 .  ? -8.995  -4.467  -1.471  1.00 65.17  ? 89  HOH B O     1 
HETATM 490 O O     . HOH D 2 .  ? -17.395 -1.977  -4.931  1.00 94.55  ? 91  HOH B O     1 
HETATM 491 O O     . HOH D 2 .  ? 13.626  -5.961  1.690   1.00 79.70  ? 92  HOH B O     1 
HETATM 492 O O     . HOH D 2 .  ? -1.443  -5.051  -11.584 1.00 83.38  ? 94  HOH B O     1 
HETATM 493 O O     . HOH D 2 .  ? 13.746  -3.299  5.911   1.00 93.82  ? 96  HOH B O     1 
HETATM 494 O O     . HOH D 2 .  ? -17.338 2.368   -3.001  1.00 76.57  ? 98  HOH B O     1 
HETATM 495 O O     . HOH D 2 .  ? -12.317 4.823   -5.108  1.00 76.40  ? 99  HOH B O     1 
HETATM 496 O O     . HOH D 2 .  ? 6.109   -5.146  4.480   1.00 78.67  ? 100 HOH B O     1 
HETATM 497 O O     . HOH D 2 .  ? 3.968   -5.541  11.647  1.00 96.29  ? 105 HOH B O     1 
HETATM 498 O O     . HOH D 2 .  ? -5.080  -8.594  -3.149  1.00 76.42  ? 106 HOH B O     1 
HETATM 499 O O     . HOH D 2 .  ? 2.388   -3.476  0.800   1.00 55.75  ? 107 HOH B O     1 
HETATM 500 O O     . HOH D 2 .  ? -6.880  2.771   -3.719  1.00 96.14  ? 108 HOH B O     1 
HETATM 501 O O     . HOH D 2 .  ? 14.008  2.770   6.777   1.00 82.05  ? 110 HOH B O     1 
HETATM 502 O O     . HOH D 2 .  ? 1.337   -2.092  -1.562  1.00 66.63  ? 111 HOH B O     1 
HETATM 503 O O     . HOH D 2 .  ? 1.889   -4.329  -2.818  1.00 88.07  ? 112 HOH B O     1 
HETATM 504 O O     . HOH D 2 .  ? 4.178   -6.000  6.378   1.00 95.04  ? 114 HOH B O     1 
HETATM 505 O O     . HOH D 2 .  ? -2.699  1.732   -4.562  1.00 87.41  ? 116 HOH B O     1 
HETATM 506 O O     . HOH D 2 .  ? -9.726  4.886   -3.502  1.00 87.69  ? 120 HOH B O     1 
HETATM 507 O O     . HOH D 2 .  ? -3.588  -3.890  -3.760  1.00 90.24  ? 121 HOH B O     1 
# 
